data_5BQ3
#
_entry.id   5BQ3
#
_cell.length_a   84.780
_cell.length_b   83.280
_cell.length_c   104.220
_cell.angle_alpha   90.000
_cell.angle_beta   111.870
_cell.angle_gamma   90.000
#
_symmetry.space_group_name_H-M   'P 1 21 1'
#
loop_
_entity.id
_entity.type
_entity.pdbx_description
1 polymer 'Rhamnose ABC transporter, rhamnose-binding protein'
2 water water
#
_entity_poly.entity_id   1
_entity_poly.type   'polypeptide(L)'
_entity_poly.pdbx_seq_one_letter_code
;GCGGGTSTQGSESSSGGDASGSYDVSSQSITFIPKQLNNPFSDV(MSE)LGGGKNAAGEIGFAEVNVVGPLEASSSSQVS
FINSEVQAGTNVLVIAANDPDAVCPALQDARKAGTKVVTFDSDSAADCRDLFINQVESKQVAIT(MSE)LD(MSE)VSDQ
IGGSGKVAILSATANAANQNAWIKF(MSE)EDEIASNDKYKGIEIVAKVYGDDDDTKSFQEAQGLLQAHPDLNAIVSPTT
VGIAATARYLSTSDYKGKVFLTGLGLPNE(MSE)RSFVKDGTVKEFALWDPAQLGYVAAYAGAALDSGAIKGEVGEKFTA
GNLGERTIGENKTVVVGDPVRFNADNIDKYDF
;
_entity_poly.pdbx_strand_id   A,B,C,D
#
# COMPACT_ATOMS: atom_id res chain seq x y z
N SER A 20 1.24 -20.78 -20.82
CA SER A 20 0.66 -21.17 -19.54
C SER A 20 1.73 -21.55 -18.52
N GLY A 21 1.47 -21.21 -17.25
CA GLY A 21 2.33 -21.47 -16.11
C GLY A 21 1.65 -22.33 -15.07
N SER A 22 1.40 -23.60 -15.42
CA SER A 22 0.70 -24.64 -14.65
C SER A 22 1.28 -24.87 -13.25
N TYR A 23 0.45 -25.46 -12.36
CA TYR A 23 0.80 -25.76 -10.98
C TYR A 23 0.71 -27.26 -10.68
N ASP A 24 1.88 -27.88 -10.44
CA ASP A 24 2.03 -29.29 -10.09
C ASP A 24 3.19 -29.41 -9.08
N VAL A 25 3.27 -28.43 -8.18
CA VAL A 25 4.29 -28.29 -7.14
C VAL A 25 3.67 -28.57 -5.75
N SER A 26 2.78 -29.58 -5.69
CA SER A 26 2.05 -30.02 -4.49
C SER A 26 2.99 -30.62 -3.42
N SER A 27 4.19 -31.05 -3.82
CA SER A 27 5.21 -31.65 -2.95
C SER A 27 6.47 -30.76 -2.82
N GLN A 28 6.55 -29.69 -3.62
CA GLN A 28 7.68 -28.76 -3.68
C GLN A 28 7.56 -27.63 -2.66
N SER A 29 8.72 -27.03 -2.29
CA SER A 29 8.81 -25.93 -1.32
C SER A 29 9.27 -24.60 -1.96
N ILE A 30 8.74 -23.48 -1.45
CA ILE A 30 9.06 -22.13 -1.90
C ILE A 30 9.53 -21.27 -0.71
N THR A 31 10.59 -20.46 -0.92
CA THR A 31 11.14 -19.58 0.11
C THR A 31 11.35 -18.18 -0.47
N PHE A 32 10.88 -17.16 0.27
CA PHE A 32 10.99 -15.75 -0.07
C PHE A 32 12.03 -15.09 0.83
N ILE A 33 13.09 -14.51 0.22
CA ILE A 33 14.15 -13.83 0.96
C ILE A 33 14.12 -12.33 0.62
N PRO A 34 13.58 -11.47 1.53
CA PRO A 34 13.59 -10.03 1.25
C PRO A 34 14.97 -9.42 1.54
N LYS A 35 15.15 -8.12 1.23
CA LYS A 35 16.39 -7.39 1.49
C LYS A 35 16.70 -7.33 2.99
N GLN A 36 15.63 -7.15 3.79
CA GLN A 36 15.64 -7.02 5.24
C GLN A 36 14.29 -7.51 5.79
N LEU A 37 14.30 -8.11 6.99
CA LEU A 37 13.07 -8.56 7.64
C LEU A 37 12.34 -7.41 8.33
N ASN A 38 11.00 -7.54 8.46
CA ASN A 38 10.08 -6.62 9.11
C ASN A 38 10.12 -5.18 8.54
N ASN A 39 10.16 -5.06 7.20
CA ASN A 39 10.10 -3.79 6.50
C ASN A 39 8.66 -3.60 6.00
N PRO A 40 7.94 -2.53 6.40
CA PRO A 40 6.52 -2.37 6.03
C PRO A 40 6.19 -2.61 4.54
N PHE A 41 6.88 -1.93 3.61
CA PHE A 41 6.65 -2.03 2.17
C PHE A 41 7.03 -3.42 1.63
N SER A 42 8.16 -3.97 2.13
CA SER A 42 8.68 -5.28 1.74
C SER A 42 7.77 -6.42 2.21
N ASP A 43 7.09 -6.25 3.38
CA ASP A 43 6.18 -7.23 3.96
C ASP A 43 4.87 -7.37 3.15
N VAL A 44 4.47 -6.30 2.44
CA VAL A 44 3.28 -6.29 1.56
C VAL A 44 3.59 -7.16 0.34
N MSE A 45 4.83 -7.06 -0.19
CA MSE A 45 5.36 -7.83 -1.31
C MSE A 45 5.44 -9.31 -0.93
O MSE A 45 5.03 -10.17 -1.72
CB MSE A 45 6.74 -7.28 -1.73
CG MSE A 45 7.45 -8.07 -2.82
SE MSE A 45 9.36 -7.61 -3.01
CE MSE A 45 10.02 -8.17 -1.25
N LEU A 46 5.93 -9.62 0.30
CA LEU A 46 6.03 -10.98 0.83
C LEU A 46 4.64 -11.59 1.04
N GLY A 47 3.70 -10.78 1.55
CA GLY A 47 2.32 -11.16 1.78
C GLY A 47 1.59 -11.61 0.53
N GLY A 48 1.86 -10.92 -0.58
CA GLY A 48 1.32 -11.24 -1.90
C GLY A 48 1.90 -12.52 -2.47
N GLY A 49 3.16 -12.78 -2.13
CA GLY A 49 3.90 -13.97 -2.54
C GLY A 49 3.40 -15.22 -1.85
N LYS A 50 3.16 -15.11 -0.52
CA LYS A 50 2.65 -16.19 0.32
C LYS A 50 1.22 -16.56 -0.08
N ASN A 51 0.38 -15.55 -0.36
CA ASN A 51 -1.01 -15.74 -0.78
C ASN A 51 -1.08 -16.45 -2.14
N ALA A 52 -0.17 -16.09 -3.07
CA ALA A 52 -0.08 -16.74 -4.39
C ALA A 52 0.39 -18.18 -4.25
N ALA A 53 1.41 -18.44 -3.41
CA ALA A 53 1.97 -19.77 -3.13
C ALA A 53 0.93 -20.72 -2.53
N GLY A 54 0.02 -20.18 -1.73
CA GLY A 54 -1.09 -20.92 -1.13
C GLY A 54 -2.11 -21.33 -2.17
N GLU A 55 -2.41 -20.42 -3.12
CA GLU A 55 -3.32 -20.63 -4.24
C GLU A 55 -2.79 -21.71 -5.18
N ILE A 56 -1.47 -21.67 -5.48
CA ILE A 56 -0.75 -22.61 -6.33
C ILE A 56 -0.81 -24.02 -5.69
N GLY A 57 -0.53 -24.09 -4.39
CA GLY A 57 -0.57 -25.33 -3.62
C GLY A 57 0.79 -25.90 -3.26
N PHE A 58 1.75 -25.02 -2.89
CA PHE A 58 3.09 -25.42 -2.47
C PHE A 58 3.02 -26.15 -1.13
N ALA A 59 3.83 -27.21 -0.96
CA ALA A 59 3.88 -28.02 0.27
C ALA A 59 4.43 -27.21 1.45
N GLU A 60 5.48 -26.41 1.23
CA GLU A 60 6.11 -25.56 2.24
C GLU A 60 6.30 -24.15 1.71
N VAL A 61 5.85 -23.14 2.48
CA VAL A 61 5.97 -21.72 2.14
C VAL A 61 6.69 -21.05 3.32
N ASN A 62 7.92 -20.58 3.10
CA ASN A 62 8.74 -19.96 4.15
C ASN A 62 9.26 -18.58 3.77
N VAL A 63 9.58 -17.76 4.78
CA VAL A 63 10.15 -16.43 4.64
C VAL A 63 11.34 -16.34 5.60
N VAL A 64 12.57 -16.29 5.05
CA VAL A 64 13.82 -16.17 5.82
C VAL A 64 14.58 -14.94 5.31
N GLY A 65 15.43 -14.37 6.15
CA GLY A 65 16.21 -13.21 5.74
C GLY A 65 16.98 -12.51 6.83
N PRO A 66 17.84 -11.53 6.45
CA PRO A 66 18.62 -10.81 7.47
C PRO A 66 17.81 -9.71 8.16
N LEU A 67 18.27 -9.29 9.35
CA LEU A 67 17.63 -8.20 10.10
C LEU A 67 18.15 -6.85 9.61
N GLU A 68 19.32 -6.85 8.94
CA GLU A 68 19.98 -5.68 8.39
C GLU A 68 20.23 -5.86 6.90
N ALA A 69 19.94 -4.82 6.10
CA ALA A 69 20.11 -4.86 4.65
C ALA A 69 21.55 -4.47 4.26
N SER A 70 22.42 -5.48 4.15
CA SER A 70 23.83 -5.37 3.74
C SER A 70 24.05 -6.17 2.44
N SER A 71 25.09 -5.82 1.67
CA SER A 71 25.44 -6.42 0.38
C SER A 71 25.47 -7.98 0.41
N SER A 72 26.18 -8.59 1.39
CA SER A 72 26.31 -10.04 1.53
C SER A 72 25.54 -10.63 2.73
N SER A 73 24.55 -9.89 3.26
CA SER A 73 23.75 -10.31 4.42
C SER A 73 22.80 -11.49 4.14
N GLN A 74 22.45 -11.71 2.86
CA GLN A 74 21.53 -12.76 2.41
C GLN A 74 22.24 -14.09 2.06
N VAL A 75 23.57 -14.05 1.82
CA VAL A 75 24.43 -15.18 1.40
C VAL A 75 24.26 -16.41 2.34
N SER A 76 24.27 -16.20 3.67
CA SER A 76 24.13 -17.28 4.65
C SER A 76 22.74 -17.92 4.59
N PHE A 77 21.70 -17.13 4.28
CA PHE A 77 20.31 -17.58 4.17
C PHE A 77 20.06 -18.34 2.87
N ILE A 78 20.73 -17.96 1.76
CA ILE A 78 20.62 -18.65 0.46
C ILE A 78 21.20 -20.05 0.61
N ASN A 79 22.42 -20.17 1.18
CA ASN A 79 23.14 -21.41 1.42
C ASN A 79 22.37 -22.36 2.36
N SER A 80 21.66 -21.79 3.36
CA SER A 80 20.85 -22.53 4.34
C SER A 80 19.67 -23.22 3.66
N GLU A 81 19.01 -22.53 2.72
CA GLU A 81 17.86 -23.05 1.97
C GLU A 81 18.26 -24.13 0.98
N VAL A 82 19.50 -24.06 0.44
CA VAL A 82 20.04 -25.06 -0.50
C VAL A 82 20.25 -26.37 0.27
N GLN A 83 20.77 -26.27 1.52
CA GLN A 83 21.01 -27.38 2.45
C GLN A 83 19.69 -28.06 2.85
N ALA A 84 18.61 -27.27 2.96
CA ALA A 84 17.26 -27.73 3.29
C ALA A 84 16.55 -28.36 2.07
N GLY A 85 17.12 -28.15 0.88
CA GLY A 85 16.59 -28.68 -0.37
C GLY A 85 15.36 -27.94 -0.87
N THR A 86 15.39 -26.59 -0.82
CA THR A 86 14.30 -25.73 -1.28
C THR A 86 14.27 -25.79 -2.81
N ASN A 87 13.06 -25.93 -3.39
CA ASN A 87 12.87 -26.06 -4.83
C ASN A 87 12.78 -24.71 -5.54
N VAL A 88 12.08 -23.73 -4.94
CA VAL A 88 11.92 -22.39 -5.54
C VAL A 88 12.43 -21.33 -4.56
N LEU A 89 13.33 -20.46 -5.04
CA LEU A 89 13.89 -19.38 -4.23
C LEU A 89 13.57 -18.02 -4.87
N VAL A 90 12.80 -17.19 -4.15
CA VAL A 90 12.41 -15.84 -4.59
C VAL A 90 13.20 -14.83 -3.74
N ILE A 91 14.10 -14.04 -4.36
CA ILE A 91 14.96 -13.13 -3.59
C ILE A 91 15.04 -11.71 -4.18
N ALA A 92 15.05 -10.71 -3.27
CA ALA A 92 15.26 -9.29 -3.58
C ALA A 92 16.71 -8.99 -3.21
N ALA A 93 17.61 -9.08 -4.21
CA ALA A 93 19.07 -8.93 -4.04
C ALA A 93 19.48 -7.57 -3.48
N ASN A 94 20.27 -7.59 -2.39
CA ASN A 94 20.81 -6.40 -1.73
C ASN A 94 21.92 -5.79 -2.60
N ASP A 95 22.71 -6.65 -3.25
CA ASP A 95 23.79 -6.31 -4.18
C ASP A 95 23.73 -7.30 -5.35
N PRO A 96 23.84 -6.84 -6.62
CA PRO A 96 23.73 -7.78 -7.75
C PRO A 96 24.87 -8.79 -7.87
N ASP A 97 26.07 -8.49 -7.32
CA ASP A 97 27.24 -9.35 -7.43
C ASP A 97 27.55 -10.17 -6.17
N ALA A 98 27.30 -9.62 -4.97
CA ALA A 98 27.61 -10.27 -3.69
C ALA A 98 26.80 -11.56 -3.43
N VAL A 99 25.52 -11.60 -3.86
CA VAL A 99 24.64 -12.76 -3.66
C VAL A 99 24.76 -13.78 -4.81
N CYS A 100 25.36 -13.37 -5.95
CA CYS A 100 25.50 -14.15 -7.18
C CYS A 100 26.18 -15.55 -6.99
N PRO A 101 27.33 -15.73 -6.29
CA PRO A 101 27.90 -17.10 -6.16
C PRO A 101 26.99 -18.06 -5.38
N ALA A 102 26.27 -17.56 -4.35
CA ALA A 102 25.35 -18.36 -3.53
C ALA A 102 24.13 -18.78 -4.35
N LEU A 103 23.63 -17.89 -5.23
CA LEU A 103 22.48 -18.14 -6.10
C LEU A 103 22.85 -19.09 -7.25
N GLN A 104 24.11 -19.03 -7.71
CA GLN A 104 24.61 -19.91 -8.78
C GLN A 104 24.78 -21.33 -8.26
N ASP A 105 25.10 -21.48 -6.96
CA ASP A 105 25.22 -22.77 -6.26
C ASP A 105 23.84 -23.38 -6.03
N ALA A 106 22.80 -22.52 -5.97
CA ALA A 106 21.41 -22.95 -5.81
C ALA A 106 20.91 -23.56 -7.12
N ARG A 107 21.21 -22.90 -8.26
CA ARG A 107 20.82 -23.33 -9.60
C ARG A 107 21.46 -24.66 -9.98
N LYS A 108 22.73 -24.91 -9.56
CA LYS A 108 23.43 -26.17 -9.87
C LYS A 108 22.89 -27.32 -8.99
N ALA A 109 22.28 -26.97 -7.82
CA ALA A 109 21.69 -27.92 -6.88
C ALA A 109 20.26 -28.31 -7.29
N GLY A 110 19.69 -27.57 -8.25
CA GLY A 110 18.35 -27.81 -8.78
C GLY A 110 17.28 -26.84 -8.32
N THR A 111 17.67 -25.80 -7.58
CA THR A 111 16.77 -24.76 -7.08
C THR A 111 16.49 -23.74 -8.18
N LYS A 112 15.19 -23.42 -8.38
CA LYS A 112 14.77 -22.42 -9.36
C LYS A 112 14.88 -21.06 -8.70
N VAL A 113 15.79 -20.21 -9.21
CA VAL A 113 16.05 -18.88 -8.65
C VAL A 113 15.27 -17.81 -9.41
N VAL A 114 14.40 -17.09 -8.70
CA VAL A 114 13.58 -15.99 -9.21
C VAL A 114 13.93 -14.74 -8.40
N THR A 115 14.35 -13.67 -9.07
CA THR A 115 14.65 -12.40 -8.40
C THR A 115 13.48 -11.45 -8.61
N PHE A 116 13.18 -10.60 -7.62
CA PHE A 116 12.10 -9.62 -7.69
C PHE A 116 12.51 -8.31 -7.00
N ASP A 117 11.92 -7.17 -7.42
CA ASP A 117 12.20 -5.81 -6.94
C ASP A 117 13.60 -5.37 -7.41
N SER A 118 14.66 -5.96 -6.83
CA SER A 118 16.06 -5.70 -7.19
C SER A 118 16.71 -6.99 -7.71
N ASP A 119 17.31 -6.89 -8.90
CA ASP A 119 17.95 -8.00 -9.59
C ASP A 119 19.38 -8.26 -9.13
N SER A 120 19.88 -9.46 -9.46
CA SER A 120 21.25 -9.89 -9.27
C SER A 120 21.93 -9.76 -10.66
N ALA A 121 23.10 -10.39 -10.88
CA ALA A 121 23.69 -10.37 -12.22
C ALA A 121 22.90 -11.35 -13.12
N ALA A 122 23.00 -11.20 -14.45
CA ALA A 122 22.26 -12.02 -15.43
C ALA A 122 22.47 -13.55 -15.30
N ASP A 123 23.63 -14.01 -14.78
CA ASP A 123 23.94 -15.44 -14.68
C ASP A 123 23.64 -16.11 -13.31
N CYS A 124 22.97 -15.41 -12.37
CA CYS A 124 22.67 -15.98 -11.04
C CYS A 124 21.19 -16.30 -10.85
N ARG A 125 20.34 -16.06 -11.86
CA ARG A 125 18.91 -16.33 -11.73
C ARG A 125 18.30 -16.86 -13.02
N ASP A 126 17.18 -17.58 -12.88
CA ASP A 126 16.43 -18.18 -13.98
C ASP A 126 15.47 -17.18 -14.58
N LEU A 127 15.00 -16.20 -13.76
CA LEU A 127 14.03 -15.17 -14.13
C LEU A 127 14.09 -13.98 -13.17
N PHE A 128 13.81 -12.76 -13.70
CA PHE A 128 13.72 -11.52 -12.91
C PHE A 128 12.33 -10.91 -13.09
N ILE A 129 11.68 -10.54 -11.97
CA ILE A 129 10.35 -9.93 -11.95
C ILE A 129 10.52 -8.46 -11.58
N ASN A 130 10.27 -7.57 -12.54
CA ASN A 130 10.36 -6.13 -12.33
C ASN A 130 8.97 -5.55 -12.14
N GLN A 131 8.82 -4.64 -11.17
CA GLN A 131 7.54 -3.97 -10.85
C GLN A 131 7.02 -3.20 -12.05
N VAL A 132 7.88 -2.32 -12.60
CA VAL A 132 7.60 -1.39 -13.69
C VAL A 132 8.78 -1.27 -14.65
N GLU A 133 8.51 -0.93 -15.91
CA GLU A 133 9.51 -0.68 -16.96
C GLU A 133 9.93 0.80 -16.85
N SER A 134 11.24 1.08 -16.95
CA SER A 134 11.88 2.40 -16.79
C SER A 134 11.22 3.50 -17.65
N LYS A 135 11.06 3.28 -18.97
CA LYS A 135 10.46 4.25 -19.90
C LYS A 135 8.98 4.52 -19.56
N GLN A 136 8.27 3.52 -18.99
CA GLN A 136 6.86 3.65 -18.62
C GLN A 136 6.69 4.54 -17.39
N VAL A 137 7.68 4.54 -16.47
CA VAL A 137 7.66 5.39 -15.27
C VAL A 137 7.69 6.86 -15.71
N ALA A 138 8.60 7.18 -16.66
CA ALA A 138 8.80 8.51 -17.24
C ALA A 138 7.57 9.00 -17.96
N ILE A 139 6.88 8.10 -18.70
CA ILE A 139 5.66 8.40 -19.47
C ILE A 139 4.52 8.74 -18.50
N THR A 140 4.34 7.90 -17.45
CA THR A 140 3.31 8.06 -16.41
C THR A 140 3.44 9.43 -15.76
N MSE A 141 4.68 9.81 -15.37
CA MSE A 141 4.99 11.10 -14.74
C MSE A 141 4.72 12.27 -15.67
O MSE A 141 4.04 13.22 -15.25
CB MSE A 141 6.43 11.12 -14.24
CG MSE A 141 6.62 10.19 -13.06
SE MSE A 141 8.19 10.56 -12.05
CE MSE A 141 9.56 9.94 -13.35
N LEU A 142 5.15 12.20 -16.95
CA LEU A 142 4.89 13.24 -17.95
C LEU A 142 3.39 13.39 -18.22
N ASP A 143 2.63 12.28 -18.20
CA ASP A 143 1.17 12.25 -18.40
C ASP A 143 0.45 13.00 -17.27
N MSE A 144 0.88 12.77 -16.01
CA MSE A 144 0.32 13.42 -14.81
C MSE A 144 0.66 14.90 -14.79
O MSE A 144 -0.20 15.72 -14.43
CB MSE A 144 0.84 12.74 -13.53
CG MSE A 144 0.38 11.28 -13.39
SE MSE A 144 0.84 10.43 -11.69
CE MSE A 144 2.76 10.54 -11.75
N VAL A 145 1.90 15.28 -15.20
CA VAL A 145 2.37 16.67 -15.27
C VAL A 145 1.52 17.42 -16.29
N SER A 146 1.55 16.95 -17.55
CA SER A 146 0.82 17.52 -18.69
C SER A 146 -0.67 17.71 -18.39
N ASP A 147 -1.30 16.71 -17.74
CA ASP A 147 -2.71 16.72 -17.36
C ASP A 147 -2.99 17.81 -16.29
N GLN A 148 -2.10 17.95 -15.29
CA GLN A 148 -2.26 18.90 -14.18
C GLN A 148 -1.93 20.35 -14.60
N ILE A 149 -0.82 20.58 -15.35
CA ILE A 149 -0.42 21.93 -15.78
C ILE A 149 -1.36 22.47 -16.88
N GLY A 150 -1.99 21.58 -17.63
CA GLY A 150 -2.91 21.94 -18.71
C GLY A 150 -2.29 21.94 -20.08
N GLY A 151 -1.31 21.06 -20.31
CA GLY A 151 -0.64 20.89 -21.60
C GLY A 151 0.69 21.59 -21.76
N SER A 152 0.89 22.71 -21.04
CA SER A 152 2.11 23.55 -21.09
C SER A 152 2.33 24.27 -19.75
N GLY A 153 3.59 24.62 -19.50
CA GLY A 153 4.01 25.33 -18.29
C GLY A 153 5.44 25.04 -17.87
N LYS A 154 5.94 25.83 -16.90
CA LYS A 154 7.30 25.71 -16.36
C LYS A 154 7.32 24.65 -15.25
N VAL A 155 8.12 23.58 -15.45
CA VAL A 155 8.22 22.44 -14.54
C VAL A 155 9.66 22.29 -14.01
N ALA A 156 9.80 21.90 -12.73
CA ALA A 156 11.10 21.67 -12.06
C ALA A 156 11.19 20.24 -11.55
N ILE A 157 12.38 19.62 -11.63
CA ILE A 157 12.59 18.24 -11.16
C ILE A 157 13.39 18.25 -9.85
N LEU A 158 12.83 17.60 -8.81
CA LEU A 158 13.47 17.43 -7.50
C LEU A 158 13.76 15.94 -7.35
N SER A 159 14.97 15.54 -7.76
CA SER A 159 15.43 14.14 -7.74
C SER A 159 16.11 13.76 -6.42
N ALA A 160 16.62 12.51 -6.34
CA ALA A 160 17.34 11.97 -5.18
C ALA A 160 18.80 12.46 -5.22
N THR A 161 19.81 11.57 -5.22
CA THR A 161 21.21 11.98 -5.36
C THR A 161 21.50 12.26 -6.84
N ALA A 162 22.56 13.04 -7.10
CA ALA A 162 22.97 13.40 -8.46
C ALA A 162 23.39 12.18 -9.29
N ASN A 163 23.94 11.15 -8.64
CA ASN A 163 24.45 9.90 -9.26
C ASN A 163 23.44 8.73 -9.16
N ALA A 164 22.18 8.98 -8.73
CA ALA A 164 21.14 7.97 -8.60
C ALA A 164 20.81 7.33 -9.96
N ALA A 165 21.12 6.02 -10.09
CA ALA A 165 20.96 5.24 -11.31
C ALA A 165 19.52 5.24 -11.86
N ASN A 166 18.53 4.91 -11.00
CA ASN A 166 17.11 4.82 -11.38
C ASN A 166 16.54 6.17 -11.78
N GLN A 167 16.75 7.22 -10.96
CA GLN A 167 16.25 8.57 -11.19
C GLN A 167 16.82 9.20 -12.45
N ASN A 168 18.14 9.10 -12.67
CA ASN A 168 18.80 9.65 -13.86
C ASN A 168 18.31 8.98 -15.14
N ALA A 169 17.90 7.70 -15.05
CA ALA A 169 17.34 6.94 -16.17
C ALA A 169 15.94 7.45 -16.52
N TRP A 170 15.07 7.68 -15.50
CA TRP A 170 13.70 8.18 -15.68
C TRP A 170 13.70 9.62 -16.19
N ILE A 171 14.62 10.48 -15.68
CA ILE A 171 14.78 11.88 -16.09
C ILE A 171 15.22 11.94 -17.56
N LYS A 172 16.18 11.08 -17.98
CA LYS A 172 16.68 11.02 -19.37
C LYS A 172 15.55 10.64 -20.34
N PHE A 173 14.71 9.64 -19.99
CA PHE A 173 13.56 9.25 -20.82
C PHE A 173 12.55 10.39 -20.90
N MSE A 174 12.36 11.12 -19.79
CA MSE A 174 11.47 12.29 -19.69
C MSE A 174 11.94 13.41 -20.62
O MSE A 174 11.12 13.92 -21.38
CB MSE A 174 11.39 12.79 -18.24
CG MSE A 174 10.29 12.12 -17.43
SE MSE A 174 10.07 12.91 -15.67
CE MSE A 174 9.43 14.68 -16.20
N GLU A 175 13.25 13.74 -20.58
CA GLU A 175 13.89 14.78 -21.40
C GLU A 175 13.82 14.44 -22.89
N ASP A 176 13.99 13.14 -23.24
CA ASP A 176 13.93 12.64 -24.62
C ASP A 176 12.51 12.74 -25.19
N GLU A 177 11.48 12.46 -24.36
CA GLU A 177 10.07 12.50 -24.73
C GLU A 177 9.59 13.94 -24.93
N ILE A 178 10.10 14.89 -24.13
CA ILE A 178 9.76 16.32 -24.25
C ILE A 178 10.28 16.86 -25.60
N ALA A 179 11.50 16.44 -26.00
CA ALA A 179 12.13 16.85 -27.25
C ALA A 179 11.51 16.16 -28.47
N SER A 180 11.07 14.89 -28.32
CA SER A 180 10.50 14.10 -29.41
C SER A 180 8.95 14.20 -29.51
N ASN A 181 8.22 13.61 -28.55
CA ASN A 181 6.74 13.57 -28.54
C ASN A 181 6.12 14.97 -28.47
N ASP A 182 5.16 15.23 -29.39
CA ASP A 182 4.43 16.49 -29.51
C ASP A 182 3.46 16.72 -28.32
N LYS A 183 3.09 15.64 -27.61
CA LYS A 183 2.19 15.66 -26.46
C LYS A 183 2.84 16.35 -25.26
N TYR A 184 4.18 16.21 -25.12
CA TYR A 184 4.94 16.76 -23.99
C TYR A 184 5.84 17.94 -24.39
N LYS A 185 5.70 18.45 -25.63
CA LYS A 185 6.50 19.58 -26.13
C LYS A 185 6.22 20.88 -25.36
N GLY A 186 5.02 20.98 -24.78
CA GLY A 186 4.59 22.12 -23.98
C GLY A 186 5.25 22.19 -22.61
N ILE A 187 5.70 21.03 -22.08
CA ILE A 187 6.38 20.92 -20.78
C ILE A 187 7.79 21.49 -20.92
N GLU A 188 8.09 22.55 -20.14
CA GLU A 188 9.39 23.20 -20.15
C GLU A 188 10.09 22.96 -18.81
N ILE A 189 11.17 22.14 -18.82
CA ILE A 189 11.97 21.89 -17.62
C ILE A 189 12.84 23.13 -17.40
N VAL A 190 12.70 23.76 -16.23
CA VAL A 190 13.40 25.01 -15.90
C VAL A 190 14.45 24.80 -14.78
N ALA A 191 14.39 23.65 -14.07
CA ALA A 191 15.32 23.33 -12.99
C ALA A 191 15.43 21.84 -12.73
N LYS A 192 16.61 21.39 -12.26
CA LYS A 192 16.95 20.02 -11.88
C LYS A 192 17.75 20.06 -10.59
N VAL A 193 17.05 19.94 -9.44
CA VAL A 193 17.66 19.98 -8.11
C VAL A 193 17.73 18.57 -7.50
N TYR A 194 18.62 18.36 -6.52
CA TYR A 194 18.84 17.06 -5.90
C TYR A 194 18.70 17.13 -4.38
N GLY A 195 17.74 16.36 -3.86
CA GLY A 195 17.43 16.26 -2.44
C GLY A 195 18.22 15.21 -1.69
N ASP A 196 19.02 14.40 -2.44
CA ASP A 196 19.90 13.33 -1.96
C ASP A 196 19.19 12.27 -1.08
N ASP A 197 17.88 12.01 -1.34
CA ASP A 197 17.01 11.07 -0.60
C ASP A 197 16.98 11.38 0.91
N ASP A 198 17.12 12.68 1.26
CA ASP A 198 17.11 13.20 2.62
C ASP A 198 15.99 14.22 2.74
N ASP A 199 15.12 14.07 3.76
CA ASP A 199 13.96 14.92 4.00
C ASP A 199 14.34 16.39 4.25
N THR A 200 15.39 16.65 5.06
CA THR A 200 15.84 18.01 5.39
C THR A 200 16.41 18.70 4.15
N LYS A 201 17.23 17.98 3.35
CA LYS A 201 17.84 18.51 2.13
C LYS A 201 16.77 18.75 1.03
N SER A 202 15.84 17.79 0.83
CA SER A 202 14.74 17.88 -0.16
C SER A 202 13.80 19.06 0.15
N PHE A 203 13.58 19.36 1.46
CA PHE A 203 12.75 20.47 1.92
C PHE A 203 13.42 21.80 1.58
N GLN A 204 14.76 21.87 1.81
CA GLN A 204 15.59 23.06 1.53
C GLN A 204 15.68 23.31 0.03
N GLU A 205 15.76 22.24 -0.79
CA GLU A 205 15.83 22.30 -2.24
C GLU A 205 14.50 22.80 -2.82
N ALA A 206 13.37 22.37 -2.22
CA ALA A 206 12.01 22.79 -2.62
C ALA A 206 11.77 24.26 -2.26
N GLN A 207 12.33 24.72 -1.12
CA GLN A 207 12.22 26.09 -0.63
C GLN A 207 12.98 27.04 -1.57
N GLY A 208 14.20 26.66 -1.96
CA GLY A 208 15.05 27.42 -2.88
C GLY A 208 14.56 27.40 -4.31
N LEU A 209 13.83 26.33 -4.68
CA LEU A 209 13.24 26.11 -6.01
C LEU A 209 12.20 27.18 -6.32
N LEU A 210 11.34 27.52 -5.33
CA LEU A 210 10.31 28.54 -5.47
C LEU A 210 10.90 29.95 -5.33
N GLN A 211 12.11 30.06 -4.74
CA GLN A 211 12.82 31.33 -4.58
C GLN A 211 13.48 31.72 -5.91
N ALA A 212 14.09 30.75 -6.62
CA ALA A 212 14.76 30.93 -7.91
C ALA A 212 13.77 30.91 -9.07
N HIS A 213 12.66 30.16 -8.94
CA HIS A 213 11.63 30.05 -9.96
C HIS A 213 10.23 30.26 -9.33
N PRO A 214 9.81 31.52 -9.07
CA PRO A 214 8.48 31.72 -8.46
C PRO A 214 7.31 31.55 -9.44
N ASP A 215 7.59 31.60 -10.76
CA ASP A 215 6.62 31.45 -11.85
C ASP A 215 6.42 29.97 -12.23
N LEU A 216 6.78 29.06 -11.31
CA LEU A 216 6.70 27.61 -11.45
C LEU A 216 5.25 27.12 -11.49
N ASN A 217 4.96 26.19 -12.42
CA ASN A 217 3.64 25.59 -12.58
C ASN A 217 3.52 24.27 -11.83
N ALA A 218 4.60 23.45 -11.81
CA ALA A 218 4.62 22.13 -11.16
C ALA A 218 6.03 21.66 -10.79
N ILE A 219 6.10 20.65 -9.90
CA ILE A 219 7.33 19.99 -9.46
C ILE A 219 7.15 18.47 -9.63
N VAL A 220 8.11 17.81 -10.29
CA VAL A 220 8.16 16.36 -10.47
C VAL A 220 9.20 15.83 -9.51
N SER A 221 8.81 14.92 -8.60
CA SER A 221 9.75 14.36 -7.64
C SER A 221 9.79 12.83 -7.78
N PRO A 222 10.75 12.29 -8.58
CA PRO A 222 10.83 10.82 -8.75
C PRO A 222 11.52 10.14 -7.56
N THR A 223 11.11 10.50 -6.33
CA THR A 223 11.64 10.00 -5.05
C THR A 223 10.57 10.14 -3.97
N THR A 224 10.33 9.06 -3.19
CA THR A 224 9.33 9.02 -2.11
C THR A 224 9.72 9.98 -0.97
N VAL A 225 11.02 10.18 -0.75
CA VAL A 225 11.55 11.07 0.29
C VAL A 225 11.39 12.53 -0.17
N GLY A 226 11.73 12.80 -1.43
CA GLY A 226 11.66 14.11 -2.05
C GLY A 226 10.27 14.67 -2.18
N ILE A 227 9.31 13.84 -2.63
CA ILE A 227 7.89 14.22 -2.82
C ILE A 227 7.23 14.53 -1.46
N ALA A 228 7.62 13.84 -0.38
CA ALA A 228 7.09 14.02 0.97
C ALA A 228 7.52 15.36 1.57
N ALA A 229 8.81 15.73 1.38
CA ALA A 229 9.39 16.98 1.88
C ALA A 229 8.89 18.20 1.09
N THR A 230 8.65 18.03 -0.23
CA THR A 230 8.15 19.10 -1.11
C THR A 230 6.67 19.37 -0.78
N ALA A 231 5.90 18.30 -0.48
CA ALA A 231 4.49 18.41 -0.11
C ALA A 231 4.34 19.13 1.22
N ARG A 232 5.26 18.88 2.17
CA ARG A 232 5.28 19.51 3.49
C ARG A 232 5.58 21.01 3.35
N TYR A 233 6.43 21.39 2.38
CA TYR A 233 6.77 22.78 2.11
C TYR A 233 5.61 23.53 1.46
N LEU A 234 5.03 22.96 0.38
CA LEU A 234 3.93 23.56 -0.39
C LEU A 234 2.66 23.76 0.45
N SER A 235 2.32 22.79 1.32
CA SER A 235 1.13 22.86 2.20
C SER A 235 1.23 23.98 3.25
N THR A 236 2.47 24.31 3.69
CA THR A 236 2.72 25.34 4.70
C THR A 236 3.03 26.71 4.07
N SER A 237 3.17 26.77 2.73
CA SER A 237 3.48 28.01 2.00
C SER A 237 2.24 28.55 1.25
N ASP A 238 2.41 29.73 0.61
CA ASP A 238 1.37 30.43 -0.16
C ASP A 238 1.13 29.75 -1.53
N TYR A 239 2.00 28.81 -1.93
CA TYR A 239 1.95 28.10 -3.20
C TYR A 239 1.05 26.85 -3.15
N LYS A 240 0.34 26.61 -2.02
CA LYS A 240 -0.57 25.47 -1.85
C LYS A 240 -1.72 25.54 -2.86
N GLY A 241 -1.81 24.50 -3.70
CA GLY A 241 -2.83 24.41 -4.75
C GLY A 241 -2.44 25.11 -6.04
N LYS A 242 -1.61 26.17 -5.94
CA LYS A 242 -1.12 26.97 -7.06
C LYS A 242 -0.03 26.22 -7.84
N VAL A 243 0.99 25.69 -7.11
CA VAL A 243 2.08 24.90 -7.69
C VAL A 243 1.73 23.42 -7.49
N PHE A 244 1.57 22.68 -8.60
CA PHE A 244 1.23 21.27 -8.58
C PHE A 244 2.43 20.40 -8.21
N LEU A 245 2.19 19.28 -7.53
CA LEU A 245 3.25 18.37 -7.15
C LEU A 245 2.86 16.94 -7.49
N THR A 246 3.72 16.29 -8.26
CA THR A 246 3.55 14.90 -8.69
C THR A 246 4.93 14.22 -8.70
N GLY A 247 4.92 12.92 -8.96
CA GLY A 247 6.12 12.11 -9.00
C GLY A 247 5.85 10.72 -8.49
N LEU A 248 6.79 10.18 -7.71
CA LEU A 248 6.69 8.84 -7.13
C LEU A 248 6.68 8.94 -5.61
N GLY A 249 5.58 8.49 -4.98
CA GLY A 249 5.42 8.55 -3.53
C GLY A 249 4.75 7.36 -2.88
N LEU A 250 4.66 7.39 -1.53
CA LEU A 250 4.07 6.35 -0.70
C LEU A 250 2.66 6.76 -0.21
N PRO A 251 1.63 5.90 -0.40
CA PRO A 251 0.26 6.28 0.01
C PRO A 251 0.11 6.76 1.46
N ASN A 252 0.80 6.12 2.43
CA ASN A 252 0.73 6.46 3.86
C ASN A 252 1.25 7.87 4.18
N GLU A 253 2.38 8.25 3.57
CA GLU A 253 3.02 9.55 3.75
C GLU A 253 2.26 10.67 3.03
N MSE A 254 1.69 10.35 1.86
CA MSE A 254 1.00 11.27 0.96
C MSE A 254 -0.49 11.46 1.26
O MSE A 254 -1.05 12.46 0.78
CB MSE A 254 1.15 10.77 -0.47
CG MSE A 254 2.61 10.71 -0.94
SE MSE A 254 3.40 12.47 -0.98
CE MSE A 254 2.65 12.98 -2.62
N ARG A 255 -1.12 10.54 1.99
CA ARG A 255 -2.55 10.51 2.34
C ARG A 255 -3.12 11.87 2.75
N SER A 256 -2.47 12.54 3.71
CA SER A 256 -2.87 13.85 4.25
C SER A 256 -2.80 14.96 3.19
N PHE A 257 -1.74 14.96 2.36
CA PHE A 257 -1.51 15.96 1.32
C PHE A 257 -2.47 15.81 0.14
N VAL A 258 -2.92 14.58 -0.13
CA VAL A 258 -3.86 14.28 -1.21
C VAL A 258 -5.25 14.81 -0.82
N LYS A 259 -5.62 14.69 0.47
CA LYS A 259 -6.90 15.16 1.01
C LYS A 259 -6.94 16.69 1.17
N ASP A 260 -5.80 17.32 1.56
CA ASP A 260 -5.63 18.77 1.71
C ASP A 260 -5.85 19.51 0.41
N GLY A 261 -5.34 18.91 -0.66
CA GLY A 261 -5.32 19.48 -2.00
C GLY A 261 -3.93 19.87 -2.46
N THR A 262 -2.88 19.59 -1.64
CA THR A 262 -1.47 19.88 -1.95
C THR A 262 -1.02 19.01 -3.13
N VAL A 263 -1.42 17.72 -3.11
CA VAL A 263 -1.13 16.73 -4.15
C VAL A 263 -2.47 16.24 -4.74
N LYS A 264 -2.58 16.22 -6.07
CA LYS A 264 -3.79 15.76 -6.76
C LYS A 264 -3.62 14.30 -7.19
N GLU A 265 -2.47 13.98 -7.82
CA GLU A 265 -2.15 12.63 -8.29
C GLU A 265 -0.64 12.40 -8.36
N PHE A 266 -0.20 11.23 -7.87
CA PHE A 266 1.16 10.74 -7.91
C PHE A 266 1.10 9.26 -8.34
N ALA A 267 2.25 8.63 -8.55
CA ALA A 267 2.30 7.23 -8.96
C ALA A 267 3.34 6.45 -8.18
N LEU A 268 3.20 5.11 -8.20
CA LEU A 268 4.11 4.13 -7.62
C LEU A 268 3.70 2.76 -8.19
N TRP A 269 3.51 1.73 -7.35
CA TRP A 269 3.16 0.36 -7.74
C TRP A 269 2.64 -0.40 -6.53
N ASP A 270 1.95 -1.52 -6.76
CA ASP A 270 1.46 -2.38 -5.70
C ASP A 270 2.51 -3.46 -5.44
N PRO A 271 3.27 -3.43 -4.31
CA PRO A 271 4.30 -4.46 -4.09
C PRO A 271 3.75 -5.89 -3.94
N ALA A 272 2.47 -6.04 -3.53
CA ALA A 272 1.78 -7.33 -3.38
C ALA A 272 1.67 -8.07 -4.72
N GLN A 273 1.49 -7.31 -5.83
CA GLN A 273 1.39 -7.85 -7.20
C GLN A 273 2.73 -8.42 -7.65
N LEU A 274 3.85 -7.81 -7.23
CA LEU A 274 5.21 -8.23 -7.56
C LEU A 274 5.51 -9.62 -6.96
N GLY A 275 5.19 -9.82 -5.69
CA GLY A 275 5.37 -11.09 -4.99
C GLY A 275 4.46 -12.17 -5.55
N TYR A 276 3.24 -11.77 -5.97
CA TYR A 276 2.21 -12.62 -6.57
C TYR A 276 2.71 -13.23 -7.89
N VAL A 277 3.19 -12.39 -8.83
CA VAL A 277 3.71 -12.79 -10.15
C VAL A 277 4.97 -13.68 -9.97
N ALA A 278 5.86 -13.30 -9.03
CA ALA A 278 7.11 -14.01 -8.75
C ALA A 278 6.86 -15.46 -8.28
N ALA A 279 5.86 -15.68 -7.40
CA ALA A 279 5.49 -17.00 -6.88
C ALA A 279 4.94 -17.89 -8.00
N TYR A 280 4.16 -17.29 -8.93
CA TYR A 280 3.59 -18.01 -10.08
C TYR A 280 4.67 -18.31 -11.12
N ALA A 281 5.66 -17.39 -11.26
CA ALA A 281 6.79 -17.52 -12.18
C ALA A 281 7.71 -18.66 -11.75
N GLY A 282 7.92 -18.78 -10.44
CA GLY A 282 8.74 -19.83 -9.84
C GLY A 282 8.10 -21.19 -9.92
N ALA A 283 6.77 -21.24 -9.75
CA ALA A 283 5.96 -22.46 -9.84
C ALA A 283 5.93 -23.00 -11.27
N ALA A 284 5.92 -22.08 -12.27
CA ALA A 284 5.92 -22.40 -13.69
C ALA A 284 7.26 -23.00 -14.13
N LEU A 285 8.38 -22.49 -13.58
CA LEU A 285 9.74 -22.97 -13.87
C LEU A 285 9.98 -24.35 -13.25
N ASP A 286 9.48 -24.56 -12.01
CA ASP A 286 9.64 -25.78 -11.24
C ASP A 286 8.77 -26.93 -11.78
N SER A 287 7.55 -26.63 -12.27
CA SER A 287 6.64 -27.64 -12.83
C SER A 287 7.11 -28.11 -14.21
N GLY A 288 7.81 -27.23 -14.94
CA GLY A 288 8.34 -27.50 -16.27
C GLY A 288 7.52 -26.89 -17.39
N ALA A 289 6.60 -25.96 -17.05
CA ALA A 289 5.73 -25.26 -18.00
C ALA A 289 6.54 -24.31 -18.89
N ILE A 290 7.59 -23.69 -18.33
CA ILE A 290 8.49 -22.77 -19.02
C ILE A 290 9.94 -23.10 -18.69
N LYS A 291 10.85 -22.90 -19.66
CA LYS A 291 12.28 -23.14 -19.51
C LYS A 291 12.98 -21.88 -18.98
N GLY A 292 12.32 -20.74 -19.12
CA GLY A 292 12.83 -19.43 -18.70
C GLY A 292 13.45 -18.66 -19.85
N GLU A 293 13.04 -19.00 -21.09
CA GLU A 293 13.51 -18.39 -22.33
C GLU A 293 12.70 -17.15 -22.72
N VAL A 294 13.31 -16.25 -23.51
CA VAL A 294 12.72 -15.00 -24.00
C VAL A 294 11.61 -15.35 -25.01
N GLY A 295 10.41 -14.85 -24.74
CA GLY A 295 9.23 -15.07 -25.59
C GLY A 295 8.19 -16.01 -25.00
N GLU A 296 8.59 -16.81 -23.98
CA GLU A 296 7.72 -17.77 -23.31
C GLU A 296 6.65 -17.05 -22.46
N LYS A 297 5.50 -17.71 -22.26
CA LYS A 297 4.37 -17.19 -21.50
C LYS A 297 3.96 -18.10 -20.35
N PHE A 298 3.55 -17.48 -19.23
CA PHE A 298 3.08 -18.18 -18.02
C PHE A 298 1.88 -17.45 -17.43
N THR A 299 0.98 -18.19 -16.78
CA THR A 299 -0.22 -17.63 -16.14
C THR A 299 0.14 -17.21 -14.70
N ALA A 300 -0.16 -15.95 -14.37
CA ALA A 300 0.11 -15.37 -13.05
C ALA A 300 -1.19 -15.18 -12.27
N GLY A 301 -1.92 -16.29 -12.07
CA GLY A 301 -3.18 -16.36 -11.34
C GLY A 301 -4.28 -15.42 -11.82
N ASN A 302 -4.74 -14.55 -10.90
CA ASN A 302 -5.81 -13.58 -11.12
C ASN A 302 -5.36 -12.39 -11.97
N LEU A 303 -4.03 -12.22 -12.15
CA LEU A 303 -3.45 -11.12 -12.94
C LEU A 303 -3.31 -11.46 -14.43
N GLY A 304 -3.67 -12.68 -14.82
CA GLY A 304 -3.60 -13.15 -16.19
C GLY A 304 -2.23 -13.62 -16.61
N GLU A 305 -1.99 -13.74 -17.92
CA GLU A 305 -0.71 -14.21 -18.47
C GLU A 305 0.34 -13.10 -18.54
N ARG A 306 1.64 -13.50 -18.54
CA ARG A 306 2.81 -12.61 -18.64
C ARG A 306 3.84 -13.23 -19.58
N THR A 307 4.56 -12.38 -20.34
CA THR A 307 5.60 -12.82 -21.29
C THR A 307 6.99 -12.50 -20.72
N ILE A 308 7.94 -13.43 -20.91
CA ILE A 308 9.34 -13.28 -20.51
C ILE A 308 10.01 -12.45 -21.61
N GLY A 309 10.45 -11.24 -21.25
CA GLY A 309 11.11 -10.32 -22.17
C GLY A 309 12.60 -10.51 -22.23
N GLU A 310 13.31 -9.49 -22.75
CA GLU A 310 14.77 -9.48 -22.89
C GLU A 310 15.45 -9.50 -21.51
N ASN A 311 16.61 -10.20 -21.43
CA ASN A 311 17.44 -10.40 -20.23
C ASN A 311 16.64 -11.16 -19.14
N LYS A 312 15.77 -12.13 -19.58
CA LYS A 312 14.90 -12.98 -18.75
C LYS A 312 14.09 -12.14 -17.73
N THR A 313 13.55 -10.99 -18.18
CA THR A 313 12.81 -10.05 -17.33
C THR A 313 11.30 -10.08 -17.64
N VAL A 314 10.49 -10.14 -16.58
CA VAL A 314 9.02 -10.11 -16.60
C VAL A 314 8.56 -8.82 -15.92
N VAL A 315 7.71 -8.03 -16.58
CA VAL A 315 7.19 -6.77 -16.02
C VAL A 315 5.77 -7.03 -15.49
N VAL A 316 5.52 -6.67 -14.22
CA VAL A 316 4.22 -6.82 -13.53
C VAL A 316 3.14 -5.99 -14.25
N GLY A 317 3.46 -4.73 -14.58
CA GLY A 317 2.54 -3.86 -15.29
C GLY A 317 2.93 -2.40 -15.29
N ASP A 318 1.99 -1.53 -15.70
CA ASP A 318 2.17 -0.08 -15.74
C ASP A 318 2.11 0.51 -14.32
N PRO A 319 2.81 1.64 -14.02
CA PRO A 319 2.74 2.20 -12.66
C PRO A 319 1.31 2.51 -12.21
N VAL A 320 1.02 2.25 -10.93
CA VAL A 320 -0.29 2.49 -10.31
C VAL A 320 -0.39 3.97 -9.95
N ARG A 321 -1.44 4.65 -10.45
CA ARG A 321 -1.69 6.06 -10.18
C ARG A 321 -2.58 6.18 -8.94
N PHE A 322 -2.13 7.00 -7.97
CA PHE A 322 -2.85 7.21 -6.72
C PHE A 322 -3.41 8.63 -6.63
N ASN A 323 -4.71 8.72 -6.34
CA ASN A 323 -5.47 9.95 -6.16
C ASN A 323 -6.39 9.78 -4.94
N ALA A 324 -7.23 10.79 -4.65
CA ALA A 324 -8.13 10.80 -3.49
C ALA A 324 -9.23 9.72 -3.52
N ASP A 325 -9.38 9.01 -4.66
CA ASP A 325 -10.41 7.97 -4.82
C ASP A 325 -9.90 6.54 -4.50
N ASN A 326 -8.56 6.35 -4.42
CA ASN A 326 -7.99 5.03 -4.14
C ASN A 326 -6.84 5.08 -3.09
N ILE A 327 -6.50 6.28 -2.57
CA ILE A 327 -5.43 6.49 -1.60
C ILE A 327 -5.65 5.67 -0.31
N ASP A 328 -6.90 5.57 0.19
CA ASP A 328 -7.25 4.86 1.42
C ASP A 328 -7.40 3.33 1.23
N LYS A 329 -7.13 2.83 0.02
CA LYS A 329 -7.23 1.40 -0.30
C LYS A 329 -5.87 0.69 -0.24
N TYR A 330 -4.76 1.45 -0.03
CA TYR A 330 -3.38 0.92 0.02
C TYR A 330 -2.67 1.32 1.31
N ASP A 331 -1.96 0.37 1.96
CA ASP A 331 -1.24 0.64 3.21
C ASP A 331 0.25 0.26 3.14
N PHE A 332 1.08 1.18 2.62
CA PHE A 332 2.54 1.06 2.50
C PHE A 332 3.18 2.44 2.31
N SER B 20 -5.55 31.68 -18.86
CA SER B 20 -6.91 31.76 -18.35
C SER B 20 -7.91 32.13 -19.45
N GLY B 21 -9.10 31.54 -19.38
CA GLY B 21 -10.20 31.76 -20.31
C GLY B 21 -11.43 32.29 -19.62
N SER B 22 -11.33 33.56 -19.14
CA SER B 22 -12.33 34.31 -18.37
C SER B 22 -13.71 34.40 -19.06
N TYR B 23 -14.75 34.68 -18.24
CA TYR B 23 -16.14 34.78 -18.68
C TYR B 23 -16.71 36.18 -18.38
N ASP B 24 -16.98 36.93 -19.47
CA ASP B 24 -17.57 38.27 -19.44
C ASP B 24 -18.50 38.41 -20.66
N VAL B 25 -19.20 37.31 -20.97
CA VAL B 25 -20.13 37.18 -22.10
C VAL B 25 -21.59 37.11 -21.58
N SER B 26 -21.90 37.93 -20.56
CA SER B 26 -23.21 38.02 -19.91
C SER B 26 -24.30 38.58 -20.84
N SER B 27 -23.90 39.28 -21.92
CA SER B 27 -24.79 39.88 -22.92
C SER B 27 -24.67 39.20 -24.29
N GLN B 28 -23.67 38.31 -24.45
CA GLN B 28 -23.38 37.62 -25.71
C GLN B 28 -24.18 36.32 -25.87
N SER B 29 -24.35 35.86 -27.13
CA SER B 29 -25.09 34.65 -27.49
C SER B 29 -24.19 33.56 -28.07
N ILE B 30 -24.52 32.29 -27.77
CA ILE B 30 -23.80 31.10 -28.25
C ILE B 30 -24.78 30.15 -28.96
N THR B 31 -24.36 29.58 -30.10
CA THR B 31 -25.16 28.64 -30.88
C THR B 31 -24.32 27.42 -31.26
N PHE B 32 -24.89 26.23 -31.01
CA PHE B 32 -24.27 24.93 -31.30
C PHE B 32 -24.97 24.31 -32.52
N ILE B 33 -24.19 24.03 -33.58
CA ILE B 33 -24.72 23.43 -34.81
C ILE B 33 -24.11 22.02 -34.98
N PRO B 34 -24.86 20.94 -34.67
CA PRO B 34 -24.32 19.58 -34.87
C PRO B 34 -24.40 19.18 -36.35
N LYS B 35 -23.83 18.01 -36.69
CA LYS B 35 -23.85 17.45 -38.05
C LYS B 35 -25.31 17.20 -38.50
N GLN B 36 -26.12 16.70 -37.57
CA GLN B 36 -27.52 16.32 -37.74
C GLN B 36 -28.24 16.46 -36.39
N LEU B 37 -29.53 16.83 -36.42
CA LEU B 37 -30.34 16.95 -35.20
C LEU B 37 -30.84 15.58 -34.73
N ASN B 38 -31.08 15.46 -33.42
CA ASN B 38 -31.62 14.30 -32.70
C ASN B 38 -30.78 13.02 -32.91
N ASN B 39 -29.44 13.15 -32.83
CA ASN B 39 -28.51 12.02 -32.91
C ASN B 39 -28.08 11.70 -31.47
N PRO B 40 -28.32 10.45 -30.98
CA PRO B 40 -28.02 10.14 -29.57
C PRO B 40 -26.65 10.57 -29.05
N PHE B 41 -25.55 10.19 -29.73
CA PHE B 41 -24.18 10.51 -29.33
C PHE B 41 -23.90 12.02 -29.46
N SER B 42 -24.41 12.65 -30.53
CA SER B 42 -24.24 14.08 -30.81
C SER B 42 -24.99 14.95 -29.79
N ASP B 43 -26.13 14.46 -29.27
CA ASP B 43 -26.96 15.16 -28.28
C ASP B 43 -26.28 15.21 -26.90
N VAL B 44 -25.42 14.22 -26.57
CA VAL B 44 -24.65 14.16 -25.32
C VAL B 44 -23.58 15.27 -25.39
N MSE B 45 -22.99 15.46 -26.58
CA MSE B 45 -21.98 16.48 -26.89
C MSE B 45 -22.63 17.89 -26.75
O MSE B 45 -22.04 18.77 -26.13
CB MSE B 45 -21.39 16.26 -28.29
CG MSE B 45 -20.34 17.29 -28.72
SE MSE B 45 -19.91 17.26 -30.63
CE MSE B 45 -21.70 17.57 -31.38
N LEU B 46 -23.85 18.06 -27.31
CA LEU B 46 -24.61 19.32 -27.25
C LEU B 46 -25.03 19.64 -25.80
N GLY B 47 -25.44 18.60 -25.07
CA GLY B 47 -25.85 18.68 -23.66
C GLY B 47 -24.76 19.21 -22.76
N GLY B 48 -23.52 18.79 -23.02
CA GLY B 48 -22.33 19.23 -22.30
C GLY B 48 -21.97 20.68 -22.61
N GLY B 49 -22.26 21.08 -23.86
CA GLY B 49 -22.04 22.43 -24.36
C GLY B 49 -22.98 23.43 -23.74
N LYS B 50 -24.28 23.06 -23.65
CA LYS B 50 -25.35 23.87 -23.06
C LYS B 50 -25.11 24.05 -21.55
N ASN B 51 -24.71 22.96 -20.86
CA ASN B 51 -24.39 22.93 -19.43
C ASN B 51 -23.23 23.87 -19.10
N ALA B 52 -22.19 23.89 -19.97
CA ALA B 52 -21.02 24.76 -19.83
C ALA B 52 -21.39 26.22 -20.08
N ALA B 53 -22.19 26.49 -21.13
CA ALA B 53 -22.66 27.83 -21.51
C ALA B 53 -23.50 28.48 -20.40
N GLY B 54 -24.25 27.66 -19.66
CA GLY B 54 -25.06 28.09 -18.52
C GLY B 54 -24.18 28.49 -17.36
N GLU B 55 -23.10 27.71 -17.10
CA GLU B 55 -22.10 27.96 -16.06
C GLU B 55 -21.35 29.27 -16.33
N ILE B 56 -20.96 29.50 -17.60
CA ILE B 56 -20.25 30.68 -18.09
C ILE B 56 -21.13 31.92 -17.88
N GLY B 57 -22.40 31.81 -18.28
CA GLY B 57 -23.38 32.88 -18.13
C GLY B 57 -23.75 33.59 -19.41
N PHE B 58 -23.88 32.84 -20.53
CA PHE B 58 -24.28 33.39 -21.83
C PHE B 58 -25.73 33.86 -21.78
N ALA B 59 -26.03 35.00 -22.43
CA ALA B 59 -27.38 35.57 -22.48
C ALA B 59 -28.35 34.67 -23.25
N GLU B 60 -27.90 34.12 -24.39
CA GLU B 60 -28.70 33.22 -25.24
C GLU B 60 -27.91 31.98 -25.60
N VAL B 61 -28.50 30.79 -25.37
CA VAL B 61 -27.90 29.49 -25.68
C VAL B 61 -28.89 28.76 -26.60
N ASN B 62 -28.50 28.55 -27.88
CA ASN B 62 -29.37 27.92 -28.87
C ASN B 62 -28.69 26.73 -29.56
N VAL B 63 -29.51 25.81 -30.09
CA VAL B 63 -29.07 24.64 -30.85
C VAL B 63 -29.93 24.58 -32.12
N VAL B 64 -29.29 24.82 -33.29
CA VAL B 64 -29.94 24.78 -34.60
C VAL B 64 -29.15 23.82 -35.50
N GLY B 65 -29.80 23.25 -36.50
CA GLY B 65 -29.13 22.33 -37.40
C GLY B 65 -30.02 21.59 -38.38
N PRO B 66 -29.40 20.85 -39.33
CA PRO B 66 -30.21 20.10 -40.31
C PRO B 66 -30.72 18.77 -39.76
N LEU B 67 -31.79 18.23 -40.37
CA LEU B 67 -32.35 16.94 -39.99
C LEU B 67 -31.59 15.80 -40.67
N GLU B 68 -30.85 16.13 -41.74
CA GLU B 68 -30.05 15.20 -42.54
C GLU B 68 -28.60 15.68 -42.60
N ALA B 69 -27.64 14.76 -42.39
CA ALA B 69 -26.22 15.07 -42.42
C ALA B 69 -25.66 15.01 -43.85
N SER B 70 -25.68 16.16 -44.53
CA SER B 70 -25.17 16.36 -45.89
C SER B 70 -24.03 17.39 -45.85
N SER B 71 -23.13 17.36 -46.85
CA SER B 71 -21.97 18.24 -46.98
C SER B 71 -22.28 19.74 -46.77
N SER B 72 -23.31 20.27 -47.47
CA SER B 72 -23.70 21.69 -47.40
C SER B 72 -25.06 21.91 -46.68
N SER B 73 -25.50 20.93 -45.87
CA SER B 73 -26.79 21.01 -45.14
C SER B 73 -26.78 22.05 -43.99
N GLN B 74 -25.59 22.42 -43.49
CA GLN B 74 -25.42 23.36 -42.38
C GLN B 74 -25.27 24.83 -42.83
N VAL B 75 -24.94 25.06 -44.12
CA VAL B 75 -24.68 26.38 -44.75
C VAL B 75 -25.85 27.37 -44.50
N SER B 76 -27.12 26.94 -44.66
CA SER B 76 -28.29 27.80 -44.46
C SER B 76 -28.44 28.20 -42.98
N PHE B 77 -28.06 27.31 -42.05
CA PHE B 77 -28.14 27.52 -40.60
C PHE B 77 -27.02 28.45 -40.11
N ILE B 78 -25.81 28.40 -40.72
CA ILE B 78 -24.68 29.27 -40.38
C ILE B 78 -25.06 30.71 -40.75
N ASN B 79 -25.56 30.92 -42.00
CA ASN B 79 -25.98 32.22 -42.53
C ASN B 79 -27.13 32.83 -41.72
N SER B 80 -28.05 31.98 -41.20
CA SER B 80 -29.21 32.39 -40.39
C SER B 80 -28.76 32.98 -39.05
N GLU B 81 -27.73 32.37 -38.43
CA GLU B 81 -27.18 32.81 -37.14
C GLU B 81 -26.39 34.10 -37.27
N VAL B 82 -25.77 34.33 -38.44
CA VAL B 82 -25.01 35.56 -38.74
C VAL B 82 -26.01 36.73 -38.82
N GLN B 83 -27.18 36.50 -39.47
CA GLN B 83 -28.28 37.45 -39.61
C GLN B 83 -28.88 37.81 -38.25
N ALA B 84 -28.90 36.85 -37.31
CA ALA B 84 -29.40 37.01 -35.94
C ALA B 84 -28.38 37.71 -35.05
N GLY B 85 -27.14 37.80 -35.52
CA GLY B 85 -26.04 38.45 -34.80
C GLY B 85 -25.48 37.63 -33.66
N THR B 86 -25.27 36.32 -33.90
CA THR B 86 -24.72 35.38 -32.92
C THR B 86 -23.23 35.70 -32.72
N ASN B 87 -22.77 35.73 -31.46
CA ASN B 87 -21.40 36.07 -31.11
C ASN B 87 -20.45 34.87 -31.16
N VAL B 88 -20.90 33.69 -30.67
CA VAL B 88 -20.09 32.47 -30.66
C VAL B 88 -20.82 31.36 -31.43
N LEU B 89 -20.12 30.74 -32.39
CA LEU B 89 -20.67 29.65 -33.19
C LEU B 89 -19.81 28.40 -33.01
N VAL B 90 -20.42 27.33 -32.47
CA VAL B 90 -19.75 26.04 -32.23
C VAL B 90 -20.35 25.05 -33.25
N ILE B 91 -19.55 24.54 -34.20
CA ILE B 91 -20.05 23.67 -35.26
C ILE B 91 -19.22 22.40 -35.50
N ALA B 92 -19.93 21.28 -35.76
CA ALA B 92 -19.34 19.99 -36.15
C ALA B 92 -19.54 19.87 -37.65
N ALA B 93 -18.53 20.29 -38.42
CA ALA B 93 -18.55 20.36 -39.89
C ALA B 93 -18.81 19.01 -40.57
N ASN B 94 -19.83 18.98 -41.45
CA ASN B 94 -20.21 17.80 -42.23
C ASN B 94 -19.18 17.55 -43.32
N ASP B 95 -18.64 18.64 -43.90
CA ASP B 95 -17.61 18.66 -44.92
C ASP B 95 -16.64 19.80 -44.59
N PRO B 96 -15.30 19.59 -44.64
CA PRO B 96 -14.38 20.68 -44.28
C PRO B 96 -14.36 21.88 -45.23
N ASP B 97 -14.76 21.69 -46.50
CA ASP B 97 -14.73 22.73 -47.53
C ASP B 97 -16.10 23.37 -47.82
N ALA B 98 -17.19 22.59 -47.79
CA ALA B 98 -18.55 23.05 -48.11
C ALA B 98 -19.09 24.12 -47.15
N VAL B 99 -18.76 24.02 -45.85
CA VAL B 99 -19.25 24.97 -44.82
C VAL B 99 -18.31 26.19 -44.68
N CYS B 100 -17.09 26.10 -45.23
CA CYS B 100 -16.03 27.11 -45.14
C CYS B 100 -16.46 28.52 -45.60
N PRO B 101 -17.10 28.77 -46.78
CA PRO B 101 -17.45 30.16 -47.14
C PRO B 101 -18.44 30.81 -46.17
N ALA B 102 -19.40 30.03 -45.63
CA ALA B 102 -20.40 30.50 -44.68
C ALA B 102 -19.77 30.84 -43.33
N LEU B 103 -18.77 30.04 -42.90
CA LEU B 103 -18.03 30.24 -41.64
C LEU B 103 -17.07 31.41 -41.75
N GLN B 104 -16.52 31.67 -42.97
CA GLN B 104 -15.61 32.78 -43.23
C GLN B 104 -16.37 34.11 -43.21
N ASP B 105 -17.66 34.07 -43.63
CA ASP B 105 -18.57 35.22 -43.62
C ASP B 105 -19.00 35.54 -42.18
N ALA B 106 -18.98 34.52 -41.29
CA ALA B 106 -19.30 34.67 -39.88
C ALA B 106 -18.16 35.40 -39.17
N ARG B 107 -16.89 35.01 -39.46
CA ARG B 107 -15.68 35.59 -38.88
C ARG B 107 -15.52 37.06 -39.28
N LYS B 108 -15.88 37.45 -40.52
CA LYS B 108 -15.78 38.84 -40.98
C LYS B 108 -16.91 39.70 -40.35
N ALA B 109 -18.02 39.06 -39.92
CA ALA B 109 -19.14 39.72 -39.27
C ALA B 109 -18.90 39.93 -37.76
N GLY B 110 -17.86 39.28 -37.23
CA GLY B 110 -17.47 39.38 -35.82
C GLY B 110 -17.80 38.18 -34.97
N THR B 111 -18.31 37.09 -35.59
CA THR B 111 -18.68 35.86 -34.91
C THR B 111 -17.43 35.01 -34.69
N LYS B 112 -17.25 34.52 -33.45
CA LYS B 112 -16.14 33.64 -33.09
C LYS B 112 -16.53 32.23 -33.47
N VAL B 113 -15.80 31.64 -34.44
CA VAL B 113 -16.10 30.30 -34.95
C VAL B 113 -15.19 29.27 -34.28
N VAL B 114 -15.82 28.29 -33.61
CA VAL B 114 -15.18 27.18 -32.92
C VAL B 114 -15.71 25.89 -33.53
N THR B 115 -14.83 25.04 -34.04
CA THR B 115 -15.23 23.75 -34.60
C THR B 115 -14.93 22.65 -33.56
N PHE B 116 -15.79 21.62 -33.50
CA PHE B 116 -15.61 20.50 -32.57
C PHE B 116 -16.01 19.19 -33.26
N ASP B 117 -15.44 18.05 -32.79
CA ASP B 117 -15.63 16.68 -33.34
C ASP B 117 -14.96 16.60 -34.73
N SER B 118 -15.58 17.22 -35.74
CA SER B 118 -15.08 17.27 -37.12
C SER B 118 -14.76 18.72 -37.51
N ASP B 119 -13.54 18.94 -37.98
CA ASP B 119 -13.01 20.24 -38.38
C ASP B 119 -13.40 20.65 -39.79
N SER B 120 -13.29 21.96 -40.06
CA SER B 120 -13.44 22.57 -41.38
C SER B 120 -12.02 22.80 -41.91
N ALA B 121 -11.83 23.64 -42.94
CA ALA B 121 -10.47 23.95 -43.40
C ALA B 121 -9.83 24.93 -42.39
N ALA B 122 -8.49 25.05 -42.41
CA ALA B 122 -7.72 25.89 -41.48
C ALA B 122 -8.12 27.38 -41.47
N ASP B 123 -8.69 27.92 -42.57
CA ASP B 123 -9.03 29.34 -42.68
C ASP B 123 -10.53 29.68 -42.41
N CYS B 124 -11.36 28.73 -41.94
CA CYS B 124 -12.78 29.03 -41.67
C CYS B 124 -13.08 29.14 -40.17
N ARG B 125 -12.16 28.74 -39.29
CA ARG B 125 -12.41 28.78 -37.85
C ARG B 125 -11.29 29.46 -37.07
N ASP B 126 -11.63 29.94 -35.87
CA ASP B 126 -10.71 30.60 -34.93
C ASP B 126 -9.99 29.57 -34.06
N LEU B 127 -10.65 28.41 -33.80
CA LEU B 127 -10.15 27.31 -32.96
C LEU B 127 -10.86 25.99 -33.28
N PHE B 128 -10.14 24.85 -33.15
CA PHE B 128 -10.70 23.50 -33.34
C PHE B 128 -10.51 22.68 -32.05
N ILE B 129 -11.60 22.04 -31.58
CA ILE B 129 -11.59 21.22 -30.39
C ILE B 129 -11.67 19.76 -30.81
N ASN B 130 -10.53 19.06 -30.74
CA ASN B 130 -10.43 17.65 -31.06
C ASN B 130 -10.61 16.87 -29.77
N GLN B 131 -11.48 15.86 -29.79
CA GLN B 131 -11.78 15.02 -28.64
C GLN B 131 -10.52 14.27 -28.14
N VAL B 132 -9.79 13.62 -29.07
CA VAL B 132 -8.60 12.81 -28.78
C VAL B 132 -7.53 12.95 -29.88
N GLU B 133 -6.24 12.79 -29.51
CA GLU B 133 -5.12 12.81 -30.44
C GLU B 133 -5.06 11.43 -31.15
N SER B 134 -4.87 11.43 -32.48
CA SER B 134 -4.83 10.23 -33.33
C SER B 134 -3.84 9.17 -32.81
N LYS B 135 -2.57 9.57 -32.53
CA LYS B 135 -1.51 8.68 -32.02
C LYS B 135 -1.87 8.08 -30.65
N GLN B 136 -2.57 8.85 -29.79
CA GLN B 136 -2.98 8.43 -28.45
C GLN B 136 -4.09 7.35 -28.50
N VAL B 137 -4.95 7.36 -29.55
CA VAL B 137 -6.01 6.37 -29.73
C VAL B 137 -5.36 5.01 -30.01
N ALA B 138 -4.29 5.02 -30.83
CA ALA B 138 -3.50 3.85 -31.20
C ALA B 138 -2.75 3.26 -30.01
N ILE B 139 -2.17 4.12 -29.14
CA ILE B 139 -1.43 3.74 -27.93
C ILE B 139 -2.40 3.09 -26.93
N THR B 140 -3.57 3.72 -26.68
CA THR B 140 -4.63 3.25 -25.77
C THR B 140 -5.05 1.82 -26.15
N MSE B 141 -5.27 1.57 -27.45
CA MSE B 141 -5.66 0.27 -27.99
C MSE B 141 -4.55 -0.76 -27.82
O MSE B 141 -4.84 -1.84 -27.28
CB MSE B 141 -6.11 0.38 -29.45
CG MSE B 141 -7.46 1.07 -29.60
SE MSE B 141 -8.29 0.81 -31.32
CE MSE B 141 -7.07 1.89 -32.43
N LEU B 142 -3.29 -0.42 -28.17
CA LEU B 142 -2.12 -1.28 -28.02
C LEU B 142 -1.89 -1.68 -26.56
N ASP B 143 -2.09 -0.73 -25.62
CA ASP B 143 -1.96 -0.96 -24.18
C ASP B 143 -2.98 -1.98 -23.69
N MSE B 144 -4.27 -1.85 -24.12
CA MSE B 144 -5.37 -2.76 -23.75
C MSE B 144 -5.15 -4.15 -24.33
O MSE B 144 -5.44 -5.13 -23.65
CB MSE B 144 -6.72 -2.19 -24.20
CG MSE B 144 -7.15 -0.94 -23.43
SE MSE B 144 -8.90 -0.25 -23.93
CE MSE B 144 -8.67 -0.07 -25.85
N VAL B 145 -4.61 -4.24 -25.58
CA VAL B 145 -4.29 -5.50 -26.26
C VAL B 145 -3.21 -6.24 -25.48
N SER B 146 -2.03 -5.61 -25.33
CA SER B 146 -0.85 -6.12 -24.62
C SER B 146 -1.20 -6.59 -23.21
N ASP B 147 -2.03 -5.83 -22.48
CA ASP B 147 -2.48 -6.14 -21.12
C ASP B 147 -3.35 -7.42 -21.09
N GLN B 148 -4.26 -7.57 -22.08
CA GLN B 148 -5.18 -8.69 -22.17
C GLN B 148 -4.51 -9.97 -22.69
N ILE B 149 -3.68 -9.87 -23.77
CA ILE B 149 -2.99 -11.04 -24.35
C ILE B 149 -1.84 -11.50 -23.45
N GLY B 150 -1.28 -10.58 -22.64
CA GLY B 150 -0.20 -10.88 -21.71
C GLY B 150 1.19 -10.59 -22.22
N GLY B 151 1.32 -9.53 -23.01
CA GLY B 151 2.59 -9.09 -23.57
C GLY B 151 2.87 -9.54 -24.99
N SER B 152 2.44 -10.77 -25.34
CA SER B 152 2.66 -11.38 -26.66
C SER B 152 1.47 -12.24 -27.09
N GLY B 153 1.32 -12.42 -28.40
CA GLY B 153 0.26 -13.21 -29.01
C GLY B 153 -0.12 -12.76 -30.40
N LYS B 154 -0.93 -13.58 -31.10
CA LYS B 154 -1.41 -13.32 -32.46
C LYS B 154 -2.68 -12.47 -32.39
N VAL B 155 -2.62 -11.27 -33.00
CA VAL B 155 -3.70 -10.28 -32.99
C VAL B 155 -4.18 -9.98 -34.42
N ALA B 156 -5.50 -9.78 -34.60
CA ALA B 156 -6.12 -9.45 -35.89
C ALA B 156 -6.87 -8.11 -35.79
N ILE B 157 -6.84 -7.30 -36.87
CA ILE B 157 -7.51 -6.01 -36.89
C ILE B 157 -8.76 -6.08 -37.79
N LEU B 158 -9.93 -5.71 -37.22
CA LEU B 158 -11.21 -5.64 -37.92
C LEU B 158 -11.60 -4.16 -37.99
N SER B 159 -11.19 -3.50 -39.08
CA SER B 159 -11.41 -2.07 -39.31
C SER B 159 -12.74 -1.78 -40.01
N ALA B 160 -13.01 -0.50 -40.33
CA ALA B 160 -14.20 -0.03 -41.04
C ALA B 160 -14.01 -0.25 -42.55
N THR B 161 -14.10 0.79 -43.38
CA THR B 161 -13.89 0.65 -44.82
C THR B 161 -12.37 0.67 -45.06
N ALA B 162 -11.90 0.13 -46.21
CA ALA B 162 -10.48 0.06 -46.56
C ALA B 162 -9.84 1.44 -46.72
N ASN B 163 -10.63 2.45 -47.17
CA ASN B 163 -10.22 3.83 -47.40
C ASN B 163 -10.53 4.78 -46.22
N ALA B 164 -10.98 4.25 -45.06
CA ALA B 164 -11.32 5.04 -43.86
C ALA B 164 -10.10 5.82 -43.35
N ALA B 165 -10.18 7.16 -43.43
CA ALA B 165 -9.11 8.09 -43.06
C ALA B 165 -8.65 7.94 -41.60
N ASN B 166 -9.60 7.95 -40.63
CA ASN B 166 -9.31 7.85 -39.20
C ASN B 166 -8.71 6.49 -38.82
N GLN B 167 -9.33 5.40 -39.27
CA GLN B 167 -8.91 4.03 -38.98
C GLN B 167 -7.54 3.70 -39.55
N ASN B 168 -7.26 4.06 -40.82
CA ASN B 168 -5.97 3.82 -41.46
C ASN B 168 -4.85 4.60 -40.77
N ALA B 169 -5.17 5.77 -40.19
CA ALA B 169 -4.22 6.59 -39.43
C ALA B 169 -3.86 5.91 -38.11
N TRP B 170 -4.89 5.37 -37.39
CA TRP B 170 -4.72 4.66 -36.11
C TRP B 170 -3.93 3.37 -36.29
N ILE B 171 -4.25 2.59 -37.35
CA ILE B 171 -3.62 1.32 -37.70
C ILE B 171 -2.12 1.58 -38.01
N LYS B 172 -1.80 2.63 -38.79
CA LYS B 172 -0.43 3.01 -39.16
C LYS B 172 0.40 3.33 -37.91
N PHE B 173 -0.17 4.10 -36.94
CA PHE B 173 0.51 4.43 -35.67
C PHE B 173 0.73 3.18 -34.83
N MSE B 174 -0.22 2.22 -34.87
CA MSE B 174 -0.14 0.93 -34.18
C MSE B 174 0.99 0.08 -34.76
O MSE B 174 1.82 -0.44 -34.00
CB MSE B 174 -1.47 0.17 -34.25
CG MSE B 174 -2.48 0.60 -33.19
SE MSE B 174 -4.12 -0.47 -33.18
CE MSE B 174 -3.40 -2.18 -32.55
N GLU B 175 1.06 -0.03 -36.10
CA GLU B 175 2.06 -0.80 -36.85
C GLU B 175 3.48 -0.24 -36.62
N ASP B 176 3.62 1.11 -36.55
CA ASP B 176 4.89 1.79 -36.32
C ASP B 176 5.39 1.53 -34.90
N GLU B 177 4.48 1.54 -33.90
CA GLU B 177 4.79 1.29 -32.49
C GLU B 177 5.23 -0.15 -32.23
N ILE B 178 4.63 -1.13 -32.96
CA ILE B 178 4.95 -2.56 -32.85
C ILE B 178 6.39 -2.80 -33.35
N ALA B 179 6.77 -2.14 -34.46
CA ALA B 179 8.09 -2.26 -35.06
C ALA B 179 9.19 -1.51 -34.26
N SER B 180 8.84 -0.36 -33.65
CA SER B 180 9.80 0.47 -32.91
C SER B 180 9.84 0.17 -31.39
N ASN B 181 8.74 0.47 -30.64
CA ASN B 181 8.65 0.29 -29.19
C ASN B 181 8.76 -1.18 -28.77
N ASP B 182 9.66 -1.46 -27.80
CA ASP B 182 9.91 -2.79 -27.25
C ASP B 182 8.73 -3.33 -26.43
N LYS B 183 7.84 -2.43 -25.96
CA LYS B 183 6.65 -2.77 -25.17
C LYS B 183 5.61 -3.52 -26.02
N TYR B 184 5.51 -3.17 -27.33
CA TYR B 184 4.54 -3.77 -28.24
C TYR B 184 5.19 -4.69 -29.29
N LYS B 185 6.47 -5.08 -29.08
CA LYS B 185 7.18 -5.98 -30.01
C LYS B 185 6.60 -7.42 -29.97
N GLY B 186 6.00 -7.79 -28.85
CA GLY B 186 5.36 -9.09 -28.65
C GLY B 186 4.06 -9.26 -29.42
N ILE B 187 3.37 -8.13 -29.71
CA ILE B 187 2.10 -8.12 -30.45
C ILE B 187 2.39 -8.42 -31.92
N GLU B 188 1.82 -9.52 -32.43
CA GLU B 188 2.00 -9.93 -33.82
C GLU B 188 0.68 -9.79 -34.58
N ILE B 189 0.61 -8.81 -35.51
CA ILE B 189 -0.58 -8.61 -36.35
C ILE B 189 -0.54 -9.71 -37.42
N VAL B 190 -1.58 -10.54 -37.46
CA VAL B 190 -1.65 -11.68 -38.39
C VAL B 190 -2.73 -11.48 -39.47
N ALA B 191 -3.64 -10.48 -39.29
CA ALA B 191 -4.72 -10.19 -40.24
C ALA B 191 -5.22 -8.76 -40.13
N LYS B 192 -5.68 -8.21 -41.27
CA LYS B 192 -6.27 -6.88 -41.41
C LYS B 192 -7.50 -6.98 -42.31
N VAL B 193 -8.68 -7.16 -41.70
CA VAL B 193 -9.96 -7.30 -42.41
C VAL B 193 -10.78 -6.01 -42.29
N TYR B 194 -11.73 -5.82 -43.23
CA TYR B 194 -12.56 -4.61 -43.28
C TYR B 194 -14.06 -4.94 -43.26
N GLY B 195 -14.73 -4.44 -42.24
CA GLY B 195 -16.17 -4.62 -42.03
C GLY B 195 -17.05 -3.58 -42.69
N ASP B 196 -16.41 -2.54 -43.29
CA ASP B 196 -17.02 -1.42 -44.03
C ASP B 196 -18.11 -0.66 -43.23
N ASP B 197 -17.96 -0.59 -41.88
CA ASP B 197 -18.88 0.06 -40.93
C ASP B 197 -20.33 -0.50 -41.08
N ASP B 198 -20.42 -1.78 -41.45
CA ASP B 198 -21.68 -2.51 -41.64
C ASP B 198 -21.69 -3.73 -40.71
N ASP B 199 -22.76 -3.87 -39.91
CA ASP B 199 -22.93 -4.95 -38.93
C ASP B 199 -22.89 -6.34 -39.56
N THR B 200 -23.59 -6.55 -40.70
CA THR B 200 -23.66 -7.85 -41.38
C THR B 200 -22.28 -8.23 -41.96
N LYS B 201 -21.57 -7.26 -42.58
CA LYS B 201 -20.25 -7.47 -43.16
C LYS B 201 -19.20 -7.72 -42.06
N SER B 202 -19.21 -6.91 -40.97
CA SER B 202 -18.29 -7.04 -39.83
C SER B 202 -18.44 -8.38 -39.11
N PHE B 203 -19.68 -8.92 -39.06
CA PHE B 203 -19.98 -10.22 -38.45
C PHE B 203 -19.39 -11.34 -39.31
N GLN B 204 -19.52 -11.23 -40.64
CA GLN B 204 -19.01 -12.18 -41.62
C GLN B 204 -17.48 -12.19 -41.64
N GLU B 205 -16.86 -10.99 -41.48
CA GLU B 205 -15.41 -10.82 -41.43
C GLU B 205 -14.83 -11.43 -40.16
N ALA B 206 -15.55 -11.30 -39.02
CA ALA B 206 -15.16 -11.87 -37.73
C ALA B 206 -15.27 -13.39 -37.74
N GLN B 207 -16.28 -13.93 -38.46
CA GLN B 207 -16.54 -15.37 -38.62
C GLN B 207 -15.40 -16.01 -39.43
N GLY B 208 -15.02 -15.37 -40.55
CA GLY B 208 -13.95 -15.82 -41.43
C GLY B 208 -12.57 -15.65 -40.82
N LEU B 209 -12.43 -14.68 -39.91
CA LEU B 209 -11.20 -14.36 -39.17
C LEU B 209 -10.76 -15.54 -38.30
N LEU B 210 -11.72 -16.17 -37.58
CA LEU B 210 -11.46 -17.32 -36.72
C LEU B 210 -11.33 -18.61 -37.55
N GLN B 211 -11.83 -18.60 -38.80
CA GLN B 211 -11.73 -19.73 -39.72
C GLN B 211 -10.31 -19.79 -40.32
N ALA B 212 -9.76 -18.63 -40.71
CA ALA B 212 -8.42 -18.49 -41.30
C ALA B 212 -7.33 -18.46 -40.22
N HIS B 213 -7.65 -17.93 -39.03
CA HIS B 213 -6.71 -17.84 -37.90
C HIS B 213 -7.37 -18.38 -36.61
N PRO B 214 -7.44 -19.73 -36.41
CA PRO B 214 -8.08 -20.25 -35.19
C PRO B 214 -7.21 -20.13 -33.94
N ASP B 215 -5.89 -19.92 -34.12
CA ASP B 215 -4.89 -19.77 -33.05
C ASP B 215 -4.78 -18.29 -32.58
N LEU B 216 -5.82 -17.49 -32.88
CA LEU B 216 -5.94 -16.07 -32.55
C LEU B 216 -6.06 -15.83 -31.05
N ASN B 217 -5.32 -14.82 -30.54
CA ASN B 217 -5.33 -14.44 -29.13
C ASN B 217 -6.31 -13.30 -28.87
N ALA B 218 -6.39 -12.32 -29.79
CA ALA B 218 -7.26 -11.14 -29.66
C ALA B 218 -7.63 -10.50 -31.00
N ILE B 219 -8.69 -9.65 -30.98
CA ILE B 219 -9.18 -8.87 -32.10
C ILE B 219 -9.28 -7.40 -31.68
N VAL B 220 -8.69 -6.49 -32.48
CA VAL B 220 -8.75 -5.04 -32.29
C VAL B 220 -9.74 -4.51 -33.31
N SER B 221 -10.80 -3.84 -32.83
CA SER B 221 -11.78 -3.27 -33.73
C SER B 221 -11.88 -1.75 -33.52
N PRO B 222 -11.16 -0.93 -34.34
CA PRO B 222 -11.23 0.53 -34.16
C PRO B 222 -12.49 1.15 -34.81
N THR B 223 -13.66 0.52 -34.57
CA THR B 223 -14.97 0.94 -35.08
C THR B 223 -16.07 0.42 -34.14
N THR B 224 -17.05 1.28 -33.80
CA THR B 224 -18.18 0.96 -32.90
C THR B 224 -19.12 -0.09 -33.53
N VAL B 225 -19.23 -0.09 -34.87
CA VAL B 225 -20.07 -1.03 -35.63
C VAL B 225 -19.37 -2.40 -35.67
N GLY B 226 -18.07 -2.40 -35.94
CA GLY B 226 -17.24 -3.58 -36.03
C GLY B 226 -17.08 -4.35 -34.73
N ILE B 227 -16.83 -3.63 -33.61
CA ILE B 227 -16.66 -4.22 -32.27
C ILE B 227 -17.98 -4.86 -31.78
N ALA B 228 -19.15 -4.29 -32.15
CA ALA B 228 -20.47 -4.78 -31.77
C ALA B 228 -20.80 -6.09 -32.45
N ALA B 229 -20.47 -6.20 -33.76
CA ALA B 229 -20.71 -7.40 -34.57
C ALA B 229 -19.77 -8.53 -34.16
N THR B 230 -18.49 -8.20 -33.85
CA THR B 230 -17.48 -9.18 -33.44
C THR B 230 -17.83 -9.75 -32.06
N ALA B 231 -18.35 -8.90 -31.14
CA ALA B 231 -18.78 -9.30 -29.80
C ALA B 231 -19.97 -10.24 -29.88
N ARG B 232 -20.90 -9.99 -30.83
CA ARG B 232 -22.08 -10.81 -31.06
C ARG B 232 -21.68 -12.19 -31.58
N TYR B 233 -20.60 -12.25 -32.40
CA TYR B 233 -20.09 -13.52 -32.94
C TYR B 233 -19.38 -14.33 -31.86
N LEU B 234 -18.45 -13.71 -31.11
CA LEU B 234 -17.65 -14.35 -30.06
C LEU B 234 -18.52 -14.91 -28.92
N SER B 235 -19.56 -14.17 -28.49
CA SER B 235 -20.47 -14.57 -27.41
C SER B 235 -21.32 -15.81 -27.78
N THR B 236 -21.62 -15.98 -29.09
CA THR B 236 -22.43 -17.10 -29.60
C THR B 236 -21.56 -18.28 -30.07
N SER B 237 -20.21 -18.10 -30.10
CA SER B 237 -19.28 -19.14 -30.53
C SER B 237 -18.53 -19.76 -29.34
N ASP B 238 -17.69 -20.79 -29.63
CA ASP B 238 -16.88 -21.51 -28.65
C ASP B 238 -15.64 -20.70 -28.20
N TYR B 239 -15.36 -19.57 -28.89
CA TYR B 239 -14.22 -18.68 -28.62
C TYR B 239 -14.53 -17.62 -27.54
N LYS B 240 -15.73 -17.69 -26.88
CA LYS B 240 -16.14 -16.76 -25.83
C LYS B 240 -15.19 -16.87 -24.63
N GLY B 241 -14.54 -15.75 -24.30
CA GLY B 241 -13.58 -15.66 -23.22
C GLY B 241 -12.18 -16.07 -23.60
N LYS B 242 -12.05 -16.98 -24.60
CA LYS B 242 -10.78 -17.50 -25.10
C LYS B 242 -10.09 -16.46 -26.00
N VAL B 243 -10.84 -15.88 -26.97
CA VAL B 243 -10.34 -14.84 -27.88
C VAL B 243 -10.81 -13.49 -27.32
N PHE B 244 -9.85 -12.63 -26.95
CA PHE B 244 -10.12 -11.30 -26.38
C PHE B 244 -10.57 -10.31 -27.46
N LEU B 245 -11.45 -9.38 -27.09
CA LEU B 245 -11.92 -8.35 -28.01
C LEU B 245 -11.84 -6.98 -27.37
N THR B 246 -11.15 -6.06 -28.04
CA THR B 246 -10.97 -4.69 -27.60
C THR B 246 -11.00 -3.75 -28.83
N GLY B 247 -10.94 -2.45 -28.57
CA GLY B 247 -10.97 -1.42 -29.59
C GLY B 247 -11.79 -0.22 -29.16
N LEU B 248 -12.55 0.35 -30.11
CA LEU B 248 -13.40 1.52 -29.86
C LEU B 248 -14.87 1.15 -29.97
N GLY B 249 -15.59 1.26 -28.85
CA GLY B 249 -17.01 0.93 -28.76
C GLY B 249 -17.85 1.86 -27.92
N LEU B 250 -19.18 1.67 -27.97
CA LEU B 250 -20.16 2.46 -27.22
C LEU B 250 -20.57 1.72 -25.94
N PRO B 251 -20.59 2.40 -24.76
CA PRO B 251 -20.92 1.70 -23.51
C PRO B 251 -22.30 1.03 -23.48
N ASN B 252 -23.32 1.63 -24.13
CA ASN B 252 -24.69 1.09 -24.18
C ASN B 252 -24.75 -0.19 -25.02
N GLU B 253 -23.98 -0.23 -26.12
CA GLU B 253 -23.91 -1.39 -27.03
C GLU B 253 -23.02 -2.51 -26.48
N MSE B 254 -22.03 -2.16 -25.63
CA MSE B 254 -21.07 -3.11 -25.06
C MSE B 254 -21.48 -3.66 -23.69
O MSE B 254 -21.00 -4.74 -23.33
CB MSE B 254 -19.68 -2.47 -24.93
CG MSE B 254 -19.00 -2.11 -26.25
SE MSE B 254 -18.49 -3.64 -27.33
CE MSE B 254 -20.02 -3.70 -28.48
N ARG B 255 -22.34 -2.93 -22.94
CA ARG B 255 -22.82 -3.25 -21.58
C ARG B 255 -23.10 -4.74 -21.35
N SER B 256 -23.86 -5.40 -22.25
CA SER B 256 -24.21 -6.81 -22.14
C SER B 256 -22.99 -7.74 -22.32
N PHE B 257 -22.11 -7.41 -23.29
CA PHE B 257 -20.90 -8.18 -23.61
C PHE B 257 -19.83 -8.03 -22.52
N VAL B 258 -19.78 -6.88 -21.84
CA VAL B 258 -18.82 -6.61 -20.76
C VAL B 258 -19.22 -7.44 -19.53
N LYS B 259 -20.52 -7.59 -19.28
CA LYS B 259 -21.06 -8.35 -18.14
C LYS B 259 -21.00 -9.88 -18.37
N ASP B 260 -21.22 -10.38 -19.61
CA ASP B 260 -21.18 -11.83 -19.84
C ASP B 260 -19.72 -12.36 -20.02
N GLY B 261 -18.74 -11.46 -20.13
CA GLY B 261 -17.32 -11.81 -20.21
C GLY B 261 -16.69 -11.85 -21.58
N THR B 262 -17.48 -11.51 -22.63
CA THR B 262 -17.04 -11.49 -24.04
C THR B 262 -15.99 -10.38 -24.22
N VAL B 263 -16.26 -9.20 -23.62
CA VAL B 263 -15.39 -8.02 -23.65
C VAL B 263 -14.96 -7.71 -22.20
N LYS B 264 -13.65 -7.49 -21.98
CA LYS B 264 -13.10 -7.17 -20.66
C LYS B 264 -12.90 -5.65 -20.54
N GLU B 265 -12.28 -5.02 -21.57
CA GLU B 265 -12.02 -3.58 -21.63
C GLU B 265 -11.93 -3.08 -23.06
N PHE B 266 -12.59 -1.95 -23.32
CA PHE B 266 -12.63 -1.22 -24.59
C PHE B 266 -12.46 0.26 -24.28
N ALA B 267 -12.31 1.12 -25.29
CA ALA B 267 -12.13 2.55 -25.05
C ALA B 267 -12.91 3.41 -26.01
N LEU B 268 -13.24 4.63 -25.57
CA LEU B 268 -13.91 5.67 -26.35
C LEU B 268 -13.63 7.01 -25.64
N TRP B 269 -14.66 7.85 -25.46
CA TRP B 269 -14.53 9.18 -24.87
C TRP B 269 -15.90 9.71 -24.48
N ASP B 270 -15.94 10.66 -23.53
CA ASP B 270 -17.20 11.26 -23.10
C ASP B 270 -17.49 12.44 -24.04
N PRO B 271 -18.52 12.35 -24.93
CA PRO B 271 -18.79 13.46 -25.87
C PRO B 271 -19.22 14.75 -25.17
N ALA B 272 -19.76 14.65 -23.93
CA ALA B 272 -20.19 15.78 -23.11
C ALA B 272 -19.02 16.70 -22.77
N GLN B 273 -17.79 16.14 -22.65
CA GLN B 273 -16.56 16.87 -22.35
C GLN B 273 -16.12 17.73 -23.55
N LEU B 274 -16.35 17.23 -24.79
CA LEU B 274 -16.00 17.90 -26.04
C LEU B 274 -16.79 19.20 -26.20
N GLY B 275 -18.10 19.15 -25.94
CA GLY B 275 -19.00 20.30 -25.99
C GLY B 275 -18.71 21.29 -24.88
N TYR B 276 -18.32 20.77 -23.70
CA TYR B 276 -17.96 21.53 -22.50
C TYR B 276 -16.74 22.43 -22.76
N VAL B 277 -15.63 21.86 -23.27
CA VAL B 277 -14.37 22.54 -23.59
C VAL B 277 -14.62 23.58 -24.70
N ALA B 278 -15.40 23.21 -25.74
CA ALA B 278 -15.74 24.06 -26.89
C ALA B 278 -16.50 25.34 -26.47
N ALA B 279 -17.45 25.22 -25.51
CA ALA B 279 -18.23 26.35 -24.99
C ALA B 279 -17.35 27.31 -24.18
N TYR B 280 -16.34 26.78 -23.45
CA TYR B 280 -15.39 27.57 -22.67
C TYR B 280 -14.34 28.22 -23.58
N ALA B 281 -13.96 27.54 -24.67
CA ALA B 281 -13.00 28.04 -25.66
C ALA B 281 -13.58 29.22 -26.45
N GLY B 282 -14.87 29.13 -26.78
CA GLY B 282 -15.61 30.17 -27.49
C GLY B 282 -15.81 31.40 -26.65
N ALA B 283 -16.09 31.20 -25.34
CA ALA B 283 -16.29 32.25 -24.36
C ALA B 283 -14.98 33.01 -24.11
N ALA B 284 -13.84 32.30 -24.13
CA ALA B 284 -12.50 32.84 -23.94
C ALA B 284 -12.08 33.73 -25.14
N LEU B 285 -12.45 33.32 -26.37
CA LEU B 285 -12.16 34.06 -27.60
C LEU B 285 -13.00 35.34 -27.69
N ASP B 286 -14.29 35.25 -27.30
CA ASP B 286 -15.26 36.33 -27.33
C ASP B 286 -14.99 37.40 -26.26
N SER B 287 -14.54 36.99 -25.05
CA SER B 287 -14.24 37.90 -23.95
C SER B 287 -12.93 38.67 -24.19
N GLY B 288 -12.02 38.06 -24.95
CA GLY B 288 -10.73 38.63 -25.29
C GLY B 288 -9.57 38.09 -24.47
N ALA B 289 -9.79 36.98 -23.74
CA ALA B 289 -8.80 36.30 -22.90
C ALA B 289 -7.71 35.66 -23.74
N ILE B 290 -8.07 35.15 -24.92
CA ILE B 290 -7.15 34.50 -25.88
C ILE B 290 -7.43 35.01 -27.30
N LYS B 291 -6.38 35.13 -28.11
CA LYS B 291 -6.46 35.58 -29.50
C LYS B 291 -6.70 34.39 -30.44
N GLY B 292 -6.40 33.19 -29.94
CA GLY B 292 -6.53 31.93 -30.69
C GLY B 292 -5.22 31.48 -31.28
N GLU B 293 -4.09 31.94 -30.70
CA GLU B 293 -2.74 31.64 -31.14
C GLU B 293 -2.19 30.36 -30.48
N VAL B 294 -1.21 29.73 -31.15
CA VAL B 294 -0.55 28.50 -30.71
C VAL B 294 0.30 28.82 -29.46
N GLY B 295 0.05 28.08 -28.38
CA GLY B 295 0.75 28.24 -27.11
C GLY B 295 -0.07 28.88 -26.01
N GLU B 296 -1.19 29.56 -26.37
CA GLU B 296 -2.09 30.24 -25.43
C GLU B 296 -2.85 29.22 -24.57
N LYS B 297 -3.26 29.65 -23.36
CA LYS B 297 -3.98 28.82 -22.40
C LYS B 297 -5.31 29.45 -21.98
N PHE B 298 -6.32 28.61 -21.78
CA PHE B 298 -7.67 29.00 -21.33
C PHE B 298 -8.21 27.99 -20.31
N THR B 299 -9.05 28.44 -19.39
CA THR B 299 -9.66 27.59 -18.36
C THR B 299 -10.96 27.01 -18.92
N ALA B 300 -11.09 25.68 -18.86
CA ALA B 300 -12.26 24.94 -19.35
C ALA B 300 -13.08 24.40 -18.16
N GLY B 301 -13.53 25.32 -17.31
CA GLY B 301 -14.35 25.05 -16.13
C GLY B 301 -13.80 24.04 -15.15
N ASN B 302 -14.58 22.96 -14.93
CA ASN B 302 -14.26 21.87 -13.99
C ASN B 302 -13.18 20.93 -14.54
N LEU B 303 -12.86 21.02 -15.84
CA LEU B 303 -11.87 20.17 -16.51
C LEU B 303 -10.45 20.79 -16.45
N GLY B 304 -10.32 21.97 -15.86
CA GLY B 304 -9.04 22.67 -15.71
C GLY B 304 -8.63 23.44 -16.95
N GLU B 305 -7.34 23.80 -17.04
CA GLU B 305 -6.80 24.57 -18.17
C GLU B 305 -6.44 23.68 -19.36
N ARG B 306 -6.43 24.29 -20.57
CA ARG B 306 -6.08 23.65 -21.85
C ARG B 306 -5.20 24.57 -22.67
N THR B 307 -4.25 23.99 -23.45
CA THR B 307 -3.33 24.74 -24.30
C THR B 307 -3.72 24.57 -25.77
N ILE B 308 -3.64 25.66 -26.55
CA ILE B 308 -3.90 25.68 -27.98
C ILE B 308 -2.62 25.18 -28.67
N GLY B 309 -2.73 24.02 -29.31
CA GLY B 309 -1.62 23.38 -30.02
C GLY B 309 -1.49 23.83 -31.46
N GLU B 310 -0.75 23.03 -32.25
CA GLU B 310 -0.51 23.28 -33.68
C GLU B 310 -1.82 23.21 -34.48
N ASN B 311 -1.93 24.07 -35.52
CA ASN B 311 -3.10 24.23 -36.42
C ASN B 311 -4.37 24.65 -35.62
N LYS B 312 -4.17 25.50 -34.58
CA LYS B 312 -5.19 26.06 -33.68
C LYS B 312 -6.10 24.93 -33.11
N THR B 313 -5.49 23.80 -32.72
CA THR B 313 -6.21 22.62 -32.22
C THR B 313 -6.00 22.43 -30.70
N VAL B 314 -7.11 22.18 -29.98
CA VAL B 314 -7.17 21.91 -28.55
C VAL B 314 -7.64 20.45 -28.37
N VAL B 315 -6.89 19.66 -27.58
CA VAL B 315 -7.26 18.25 -27.31
C VAL B 315 -7.93 18.19 -25.94
N VAL B 316 -9.13 17.58 -25.88
CA VAL B 316 -9.95 17.40 -24.67
C VAL B 316 -9.17 16.55 -23.64
N GLY B 317 -8.60 15.43 -24.11
CA GLY B 317 -7.82 14.54 -23.25
C GLY B 317 -7.55 13.19 -23.85
N ASP B 318 -7.08 12.25 -23.01
CA ASP B 318 -6.78 10.87 -23.38
C ASP B 318 -8.06 10.06 -23.51
N PRO B 319 -8.11 8.97 -24.34
CA PRO B 319 -9.36 8.19 -24.43
C PRO B 319 -9.75 7.53 -23.11
N VAL B 320 -11.06 7.49 -22.83
CA VAL B 320 -11.64 6.91 -21.62
C VAL B 320 -11.73 5.39 -21.80
N ARG B 321 -11.19 4.62 -20.82
CA ARG B 321 -11.23 3.16 -20.85
C ARG B 321 -12.45 2.68 -20.06
N PHE B 322 -13.26 1.80 -20.69
CA PHE B 322 -14.48 1.28 -20.07
C PHE B 322 -14.35 -0.21 -19.78
N ASN B 323 -14.66 -0.59 -18.54
CA ASN B 323 -14.67 -1.95 -18.03
C ASN B 323 -15.92 -2.16 -17.17
N ALA B 324 -16.09 -3.34 -16.55
CA ALA B 324 -17.26 -3.69 -15.74
C ALA B 324 -17.44 -2.83 -14.47
N ASP B 325 -16.44 -2.00 -14.11
CA ASP B 325 -16.47 -1.15 -12.92
C ASP B 325 -16.99 0.27 -13.19
N ASN B 326 -17.04 0.70 -14.46
CA ASN B 326 -17.51 2.05 -14.80
C ASN B 326 -18.48 2.06 -16.01
N ILE B 327 -18.80 0.88 -16.57
CA ILE B 327 -19.70 0.74 -17.73
C ILE B 327 -21.12 1.31 -17.45
N ASP B 328 -21.64 1.12 -16.23
CA ASP B 328 -22.98 1.58 -15.83
C ASP B 328 -23.02 3.07 -15.43
N LYS B 329 -21.88 3.79 -15.54
CA LYS B 329 -21.77 5.21 -15.20
C LYS B 329 -21.87 6.12 -16.44
N TYR B 330 -21.94 5.53 -17.65
CA TYR B 330 -22.01 6.27 -18.92
C TYR B 330 -23.23 5.85 -19.75
N ASP B 331 -23.97 6.83 -20.30
CA ASP B 331 -25.16 6.54 -21.10
C ASP B 331 -25.11 7.24 -22.47
N PHE B 332 -24.46 6.57 -23.45
CA PHE B 332 -24.31 7.00 -24.85
C PHE B 332 -23.91 5.82 -25.76
N GLY C 21 -13.41 -11.70 32.28
CA GLY C 21 -12.89 -12.39 31.09
C GLY C 21 -11.42 -12.74 31.25
N SER C 22 -11.12 -13.67 32.17
CA SER C 22 -9.79 -14.16 32.56
C SER C 22 -8.93 -14.67 31.39
N TYR C 23 -7.60 -14.71 31.59
CA TYR C 23 -6.62 -15.15 30.61
C TYR C 23 -5.83 -16.36 31.11
N ASP C 24 -6.04 -17.52 30.46
CA ASP C 24 -5.36 -18.79 30.74
C ASP C 24 -5.16 -19.52 29.40
N VAL C 25 -4.85 -18.74 28.35
CA VAL C 25 -4.64 -19.21 26.97
C VAL C 25 -3.14 -19.09 26.60
N SER C 26 -2.26 -19.45 27.56
CA SER C 26 -0.79 -19.42 27.43
C SER C 26 -0.27 -20.43 26.39
N SER C 27 -1.06 -21.46 26.06
CA SER C 27 -0.74 -22.51 25.11
C SER C 27 -1.62 -22.47 23.85
N GLN C 28 -2.65 -21.61 23.86
CA GLN C 28 -3.63 -21.46 22.78
C GLN C 28 -3.18 -20.45 21.71
N SER C 29 -3.73 -20.58 20.49
CA SER C 29 -3.42 -19.72 19.33
C SER C 29 -4.62 -18.86 18.90
N ILE C 30 -4.34 -17.63 18.44
CA ILE C 30 -5.35 -16.68 17.95
C ILE C 30 -4.98 -16.23 16.52
N THR C 31 -5.98 -16.14 15.64
CA THR C 31 -5.80 -15.70 14.26
C THR C 31 -6.85 -14.65 13.90
N PHE C 32 -6.40 -13.54 13.30
CA PHE C 32 -7.22 -12.42 12.85
C PHE C 32 -7.33 -12.45 11.33
N ILE C 33 -8.55 -12.53 10.79
CA ILE C 33 -8.79 -12.56 9.36
C ILE C 33 -9.57 -11.28 8.95
N PRO C 34 -8.89 -10.29 8.35
CA PRO C 34 -9.62 -9.08 7.91
C PRO C 34 -10.35 -9.33 6.58
N LYS C 35 -11.15 -8.35 6.12
CA LYS C 35 -11.88 -8.41 4.86
C LYS C 35 -10.91 -8.54 3.67
N GLN C 36 -9.79 -7.81 3.75
CA GLN C 36 -8.74 -7.71 2.76
C GLN C 36 -7.43 -7.39 3.47
N LEU C 37 -6.30 -7.87 2.95
CA LEU C 37 -4.99 -7.57 3.51
C LEU C 37 -4.51 -6.18 3.08
N ASN C 38 -3.67 -5.54 3.91
CA ASN C 38 -3.02 -4.23 3.70
C ASN C 38 -4.03 -3.07 3.43
N ASN C 39 -5.11 -3.02 4.23
CA ASN C 39 -6.10 -1.95 4.19
C ASN C 39 -5.79 -1.00 5.36
N PRO C 40 -5.51 0.30 5.10
CA PRO C 40 -5.09 1.22 6.17
C PRO C 40 -5.92 1.19 7.46
N PHE C 41 -7.25 1.35 7.36
CA PHE C 41 -8.17 1.39 8.50
C PHE C 41 -8.27 0.03 9.18
N SER C 42 -8.32 -1.06 8.39
CA SER C 42 -8.43 -2.42 8.88
C SER C 42 -7.14 -2.87 9.60
N ASP C 43 -5.96 -2.35 9.17
CA ASP C 43 -4.66 -2.66 9.77
C ASP C 43 -4.52 -2.05 11.18
N VAL C 44 -5.22 -0.93 11.46
CA VAL C 44 -5.23 -0.27 12.78
C VAL C 44 -6.03 -1.18 13.73
N MSE C 45 -7.13 -1.78 13.21
CA MSE C 45 -8.00 -2.74 13.92
C MSE C 45 -7.21 -4.00 14.26
O MSE C 45 -7.28 -4.48 15.39
CB MSE C 45 -9.24 -3.06 13.06
CG MSE C 45 -10.19 -4.07 13.69
SE MSE C 45 -11.58 -4.68 12.45
CE MSE C 45 -10.46 -5.50 11.06
N LEU C 46 -6.42 -4.54 13.29
CA LEU C 46 -5.57 -5.73 13.46
C LEU C 46 -4.46 -5.45 14.46
N GLY C 47 -3.86 -4.26 14.38
CA GLY C 47 -2.79 -3.81 15.26
C GLY C 47 -3.18 -3.78 16.73
N GLY C 48 -4.43 -3.36 16.99
CA GLY C 48 -5.00 -3.32 18.33
C GLY C 48 -5.31 -4.71 18.86
N GLY C 49 -5.65 -5.61 17.95
CA GLY C 49 -5.94 -7.02 18.23
C GLY C 49 -4.70 -7.79 18.63
N LYS C 50 -3.59 -7.57 17.89
CA LYS C 50 -2.28 -8.19 18.13
C LYS C 50 -1.69 -7.70 19.46
N ASN C 51 -1.82 -6.39 19.75
CA ASN C 51 -1.36 -5.74 20.98
C ASN C 51 -2.08 -6.31 22.20
N ALA C 52 -3.40 -6.56 22.08
CA ALA C 52 -4.23 -7.15 23.13
C ALA C 52 -3.87 -8.60 23.36
N ALA C 53 -3.68 -9.39 22.27
CA ALA C 53 -3.32 -10.81 22.29
C ALA C 53 -1.96 -11.04 22.98
N GLY C 54 -1.05 -10.08 22.82
CA GLY C 54 0.28 -10.08 23.45
C GLY C 54 0.17 -9.87 24.95
N GLU C 55 -0.72 -8.95 25.37
CA GLU C 55 -1.01 -8.61 26.76
C GLU C 55 -1.63 -9.82 27.48
N ILE C 56 -2.59 -10.50 26.80
CA ILE C 56 -3.30 -11.69 27.29
C ILE C 56 -2.29 -12.83 27.51
N GLY C 57 -1.42 -13.04 26.51
CA GLY C 57 -0.37 -14.05 26.57
C GLY C 57 -0.62 -15.27 25.70
N PHE C 58 -1.16 -15.07 24.48
CA PHE C 58 -1.41 -16.15 23.52
C PHE C 58 -0.08 -16.72 23.01
N ALA C 59 -0.02 -18.05 22.84
CA ALA C 59 1.17 -18.75 22.36
C ALA C 59 1.51 -18.37 20.91
N GLU C 60 0.48 -18.28 20.04
CA GLU C 60 0.63 -17.91 18.63
C GLU C 60 -0.39 -16.85 18.25
N VAL C 61 0.09 -15.76 17.62
CA VAL C 61 -0.73 -14.64 17.15
C VAL C 61 -0.44 -14.47 15.65
N ASN C 62 -1.44 -14.77 14.80
CA ASN C 62 -1.29 -14.71 13.35
C ASN C 62 -2.36 -13.84 12.67
N VAL C 63 -2.04 -13.34 11.47
CA VAL C 63 -2.93 -12.53 10.63
C VAL C 63 -2.86 -13.11 9.22
N VAL C 64 -3.95 -13.74 8.77
CA VAL C 64 -4.08 -14.33 7.42
C VAL C 64 -5.32 -13.73 6.74
N GLY C 65 -5.34 -13.73 5.42
CA GLY C 65 -6.48 -13.18 4.70
C GLY C 65 -6.31 -13.02 3.21
N PRO C 66 -7.40 -12.68 2.49
CA PRO C 66 -7.29 -12.51 1.03
C PRO C 66 -6.73 -11.15 0.63
N LEU C 67 -6.21 -11.06 -0.60
CA LEU C 67 -5.66 -9.81 -1.14
C LEU C 67 -6.79 -8.97 -1.73
N GLU C 68 -7.93 -9.62 -2.04
CA GLU C 68 -9.13 -9.00 -2.61
C GLU C 68 -10.34 -9.28 -1.73
N ALA C 69 -11.16 -8.24 -1.46
CA ALA C 69 -12.36 -8.37 -0.62
C ALA C 69 -13.57 -8.82 -1.46
N SER C 70 -13.77 -10.15 -1.50
CA SER C 70 -14.87 -10.83 -2.19
C SER C 70 -15.70 -11.60 -1.16
N SER C 71 -16.98 -11.88 -1.47
CA SER C 71 -17.94 -12.59 -0.61
C SER C 71 -17.39 -13.89 0.00
N SER C 72 -16.81 -14.78 -0.82
CA SER C 72 -16.26 -16.08 -0.38
C SER C 72 -14.71 -16.15 -0.42
N SER C 73 -14.03 -14.98 -0.44
CA SER C 73 -12.57 -14.92 -0.51
C SER C 73 -11.86 -15.37 0.78
N GLN C 74 -12.57 -15.35 1.92
CA GLN C 74 -12.03 -15.72 3.24
C GLN C 74 -12.22 -17.22 3.58
N VAL C 75 -13.13 -17.92 2.86
CA VAL C 75 -13.51 -19.34 3.07
C VAL C 75 -12.27 -20.27 3.09
N SER C 76 -11.33 -20.10 2.14
CA SER C 76 -10.12 -20.93 2.05
C SER C 76 -9.18 -20.71 3.25
N PHE C 77 -9.15 -19.47 3.78
CA PHE C 77 -8.33 -19.08 4.92
C PHE C 77 -8.91 -19.57 6.25
N ILE C 78 -10.26 -19.63 6.37
CA ILE C 78 -10.94 -20.13 7.57
C ILE C 78 -10.64 -21.63 7.69
N ASN C 79 -10.83 -22.40 6.59
CA ASN C 79 -10.58 -23.83 6.49
C ASN C 79 -9.11 -24.19 6.78
N SER C 80 -8.16 -23.33 6.36
CA SER C 80 -6.72 -23.50 6.56
C SER C 80 -6.36 -23.43 8.04
N GLU C 81 -6.98 -22.49 8.78
CA GLU C 81 -6.75 -22.28 10.22
C GLU C 81 -7.34 -23.41 11.05
N VAL C 82 -8.45 -24.04 10.58
CA VAL C 82 -9.09 -25.17 11.25
C VAL C 82 -8.15 -26.38 11.17
N GLN C 83 -7.51 -26.58 9.99
CA GLN C 83 -6.53 -27.64 9.72
C GLN C 83 -5.29 -27.48 10.60
N ALA C 84 -4.90 -26.22 10.90
CA ALA C 84 -3.75 -25.86 11.73
C ALA C 84 -4.09 -25.99 13.23
N GLY C 85 -5.38 -26.13 13.54
CA GLY C 85 -5.87 -26.29 14.90
C GLY C 85 -5.86 -25.00 15.71
N THR C 86 -6.31 -23.89 15.09
CA THR C 86 -6.40 -22.57 15.72
C THR C 86 -7.54 -22.61 16.76
N ASN C 87 -7.29 -22.05 17.94
CA ASN C 87 -8.24 -22.05 19.06
C ASN C 87 -9.21 -20.88 19.00
N VAL C 88 -8.74 -19.67 18.66
CA VAL C 88 -9.57 -18.46 18.58
C VAL C 88 -9.46 -17.87 17.17
N LEU C 89 -10.62 -17.62 16.53
CA LEU C 89 -10.68 -17.03 15.20
C LEU C 89 -11.48 -15.72 15.24
N VAL C 90 -10.81 -14.60 14.92
CA VAL C 90 -11.42 -13.27 14.89
C VAL C 90 -11.53 -12.86 13.41
N ILE C 91 -12.77 -12.69 12.90
CA ILE C 91 -12.97 -12.41 11.46
C ILE C 91 -13.95 -11.25 11.18
N ALA C 92 -13.62 -10.43 10.18
CA ALA C 92 -14.46 -9.36 9.65
C ALA C 92 -15.07 -9.91 8.35
N ALA C 93 -16.28 -10.48 8.46
CA ALA C 93 -17.00 -11.15 7.37
C ALA C 93 -17.27 -10.25 6.17
N ASN C 94 -16.85 -10.71 4.97
CA ASN C 94 -17.07 -10.01 3.70
C ASN C 94 -18.54 -10.11 3.29
N ASP C 95 -19.15 -11.26 3.58
CA ASP C 95 -20.56 -11.57 3.34
C ASP C 95 -21.08 -12.35 4.55
N PRO C 96 -22.27 -12.01 5.11
CA PRO C 96 -22.73 -12.74 6.32
C PRO C 96 -23.10 -14.21 6.10
N ASP C 97 -23.43 -14.62 4.85
CA ASP C 97 -23.85 -15.98 4.53
C ASP C 97 -22.76 -16.84 3.88
N ALA C 98 -21.90 -16.25 3.02
CA ALA C 98 -20.86 -16.98 2.28
C ALA C 98 -19.78 -17.60 3.17
N VAL C 99 -19.40 -16.94 4.28
CA VAL C 99 -18.36 -17.42 5.20
C VAL C 99 -18.94 -18.34 6.29
N CYS C 100 -20.27 -18.34 6.45
CA CYS C 100 -21.00 -19.10 7.48
C CYS C 100 -20.69 -20.63 7.50
N PRO C 101 -20.72 -21.41 6.39
CA PRO C 101 -20.43 -22.86 6.50
C PRO C 101 -19.00 -23.15 6.99
N ALA C 102 -18.02 -22.31 6.60
CA ALA C 102 -16.61 -22.44 7.00
C ALA C 102 -16.43 -22.13 8.50
N LEU C 103 -17.19 -21.14 9.02
CA LEU C 103 -17.17 -20.74 10.43
C LEU C 103 -17.94 -21.74 11.31
N GLN C 104 -18.96 -22.41 10.74
CA GLN C 104 -19.73 -23.43 11.46
C GLN C 104 -18.90 -24.70 11.62
N ASP C 105 -18.01 -24.99 10.64
CA ASP C 105 -17.08 -26.12 10.67
C ASP C 105 -15.96 -25.87 11.67
N ALA C 106 -15.65 -24.59 11.93
CA ALA C 106 -14.65 -24.16 12.90
C ALA C 106 -15.17 -24.39 14.32
N ARG C 107 -16.44 -24.01 14.57
CA ARG C 107 -17.12 -24.16 15.87
C ARG C 107 -17.28 -25.63 16.27
N LYS C 108 -17.55 -26.53 15.29
CA LYS C 108 -17.69 -27.97 15.58
C LYS C 108 -16.32 -28.62 15.85
N ALA C 109 -15.23 -28.00 15.34
CA ALA C 109 -13.85 -28.46 15.52
C ALA C 109 -13.27 -27.99 16.87
N GLY C 110 -13.97 -27.06 17.53
CA GLY C 110 -13.57 -26.53 18.84
C GLY C 110 -13.00 -25.12 18.82
N THR C 111 -13.02 -24.47 17.64
CA THR C 111 -12.50 -23.11 17.46
C THR C 111 -13.57 -22.10 17.90
N LYS C 112 -13.15 -21.12 18.73
CA LYS C 112 -14.03 -20.06 19.21
C LYS C 112 -14.06 -18.97 18.13
N VAL C 113 -15.23 -18.76 17.51
CA VAL C 113 -15.40 -17.80 16.43
C VAL C 113 -15.96 -16.49 16.97
N VAL C 114 -15.20 -15.40 16.76
CA VAL C 114 -15.54 -14.04 17.16
C VAL C 114 -15.54 -13.17 15.89
N THR C 115 -16.65 -12.46 15.61
CA THR C 115 -16.73 -11.59 14.45
C THR C 115 -16.61 -10.13 14.90
N PHE C 116 -15.93 -9.29 14.11
CA PHE C 116 -15.76 -7.86 14.41
C PHE C 116 -15.94 -7.01 13.15
N ASP C 117 -16.34 -5.73 13.32
CA ASP C 117 -16.63 -4.74 12.27
C ASP C 117 -17.91 -5.17 11.51
N SER C 118 -17.82 -6.25 10.70
CA SER C 118 -18.93 -6.81 9.94
C SER C 118 -19.23 -8.23 10.41
N ASP C 119 -20.49 -8.51 10.74
CA ASP C 119 -20.98 -9.78 11.25
C ASP C 119 -21.34 -10.79 10.15
N SER C 120 -21.41 -12.07 10.53
CA SER C 120 -21.88 -13.19 9.72
C SER C 120 -23.32 -13.47 10.14
N ALA C 121 -23.89 -14.65 9.83
CA ALA C 121 -25.24 -14.97 10.30
C ALA C 121 -25.15 -15.36 11.78
N ALA C 122 -26.28 -15.30 12.53
CA ALA C 122 -26.33 -15.58 13.98
C ALA C 122 -25.80 -16.98 14.38
N ASP C 123 -25.98 -18.00 13.53
CA ASP C 123 -25.59 -19.39 13.84
C ASP C 123 -24.17 -19.78 13.34
N CYS C 124 -23.29 -18.80 12.99
CA CYS C 124 -21.92 -19.11 12.55
C CYS C 124 -20.86 -18.60 13.52
N ARG C 125 -21.23 -17.78 14.52
CA ARG C 125 -20.25 -17.23 15.45
C ARG C 125 -20.71 -17.36 16.91
N ASP C 126 -19.73 -17.34 17.84
CA ASP C 126 -19.97 -17.43 19.29
C ASP C 126 -20.26 -16.05 19.87
N LEU C 127 -19.65 -14.99 19.30
CA LEU C 127 -19.80 -13.60 19.76
C LEU C 127 -19.50 -12.61 18.64
N PHE C 128 -20.17 -11.43 18.64
CA PHE C 128 -19.95 -10.35 17.67
C PHE C 128 -19.57 -9.05 18.38
N ILE C 129 -18.54 -8.36 17.87
CA ILE C 129 -18.05 -7.11 18.44
C ILE C 129 -18.34 -5.97 17.47
N ASN C 130 -19.31 -5.12 17.81
CA ASN C 130 -19.71 -3.96 17.04
C ASN C 130 -18.98 -2.74 17.61
N GLN C 131 -18.37 -1.93 16.75
CA GLN C 131 -17.60 -0.74 17.15
C GLN C 131 -18.48 0.31 17.85
N VAL C 132 -19.65 0.61 17.25
CA VAL C 132 -20.59 1.62 17.75
C VAL C 132 -22.05 1.18 17.52
N GLU C 133 -22.98 1.80 18.27
CA GLU C 133 -24.41 1.57 18.12
C GLU C 133 -24.91 2.52 17.03
N SER C 134 -25.64 1.98 16.02
CA SER C 134 -26.17 2.69 14.85
C SER C 134 -26.94 3.97 15.23
N LYS C 135 -27.79 3.91 16.26
CA LYS C 135 -28.58 5.05 16.74
C LYS C 135 -27.68 6.13 17.37
N GLN C 136 -26.62 5.71 18.09
CA GLN C 136 -25.67 6.60 18.77
C GLN C 136 -24.81 7.41 17.77
N VAL C 137 -24.56 6.88 16.55
CA VAL C 137 -23.79 7.56 15.49
C VAL C 137 -24.63 8.75 14.98
N ALA C 138 -25.96 8.55 14.88
CA ALA C 138 -26.93 9.54 14.43
C ALA C 138 -27.11 10.67 15.45
N ILE C 139 -27.17 10.33 16.76
CA ILE C 139 -27.33 11.29 17.86
C ILE C 139 -26.07 12.18 17.96
N THR C 140 -24.86 11.57 17.90
CA THR C 140 -23.57 12.26 17.96
C THR C 140 -23.46 13.30 16.82
N MSE C 141 -23.88 12.94 15.59
CA MSE C 141 -23.86 13.83 14.43
C MSE C 141 -24.87 14.96 14.59
O MSE C 141 -24.53 16.10 14.30
CB MSE C 141 -24.09 13.08 13.11
CG MSE C 141 -22.84 12.42 12.56
SE MSE C 141 -23.10 11.62 10.80
CE MSE C 141 -24.39 10.22 11.25
N LEU C 142 -26.09 14.66 15.07
CA LEU C 142 -27.17 15.65 15.32
C LEU C 142 -26.76 16.67 16.37
N ASP C 143 -26.09 16.22 17.45
CA ASP C 143 -25.60 17.03 18.56
C ASP C 143 -24.56 18.05 18.06
N MSE C 144 -23.58 17.59 17.24
CA MSE C 144 -22.51 18.43 16.66
C MSE C 144 -23.08 19.49 15.72
O MSE C 144 -22.58 20.61 15.71
CB MSE C 144 -21.48 17.56 15.93
CG MSE C 144 -20.66 16.69 16.87
SE MSE C 144 -19.25 15.66 15.99
CE MSE C 144 -20.29 14.73 14.64
N VAL C 145 -24.14 19.15 14.95
CA VAL C 145 -24.83 20.04 14.02
C VAL C 145 -25.51 21.18 14.80
N SER C 146 -26.44 20.82 15.71
CA SER C 146 -27.20 21.75 16.54
C SER C 146 -26.29 22.67 17.34
N ASP C 147 -25.16 22.16 17.86
CA ASP C 147 -24.18 22.94 18.62
C ASP C 147 -23.51 23.99 17.73
N GLN C 148 -23.17 23.62 16.48
CA GLN C 148 -22.47 24.50 15.53
C GLN C 148 -23.41 25.52 14.87
N ILE C 149 -24.64 25.12 14.47
CA ILE C 149 -25.62 26.03 13.83
C ILE C 149 -26.31 26.93 14.88
N GLY C 150 -26.31 26.52 16.14
CA GLY C 150 -26.90 27.26 17.24
C GLY C 150 -28.34 26.91 17.53
N GLY C 151 -28.68 25.62 17.37
CA GLY C 151 -30.00 25.08 17.62
C GLY C 151 -30.87 24.95 16.39
N SER C 152 -30.87 25.99 15.53
CA SER C 152 -31.69 26.01 14.31
C SER C 152 -30.90 26.47 13.09
N GLY C 153 -31.35 26.04 11.91
CA GLY C 153 -30.75 26.38 10.63
C GLY C 153 -30.99 25.35 9.55
N LYS C 154 -30.67 25.72 8.29
CA LYS C 154 -30.83 24.87 7.12
C LYS C 154 -29.60 23.97 6.96
N VAL C 155 -29.81 22.64 7.01
CA VAL C 155 -28.76 21.63 6.97
C VAL C 155 -28.95 20.69 5.75
N ALA C 156 -27.84 20.29 5.10
CA ALA C 156 -27.84 19.37 3.95
C ALA C 156 -27.01 18.12 4.26
N ILE C 157 -27.46 16.95 3.78
CA ILE C 157 -26.76 15.68 4.01
C ILE C 157 -26.07 15.23 2.71
N LEU C 158 -24.74 14.99 2.80
CA LEU C 158 -23.91 14.48 1.71
C LEU C 158 -23.47 13.07 2.11
N SER C 159 -24.27 12.07 1.71
CA SER C 159 -24.06 10.66 2.04
C SER C 159 -23.16 9.96 1.01
N ALA C 160 -22.95 8.63 1.20
CA ALA C 160 -22.17 7.77 0.32
C ALA C 160 -23.04 7.38 -0.89
N THR C 161 -23.22 6.09 -1.15
CA THR C 161 -24.07 5.62 -2.25
C THR C 161 -25.53 5.68 -1.78
N ALA C 162 -26.49 5.78 -2.72
CA ALA C 162 -27.92 5.86 -2.43
C ALA C 162 -28.44 4.59 -1.70
N ASN C 163 -27.84 3.44 -1.96
CA ASN C 163 -28.19 2.13 -1.39
C ASN C 163 -27.31 1.72 -0.19
N ALA C 164 -26.44 2.63 0.32
CA ALA C 164 -25.55 2.37 1.46
C ALA C 164 -26.34 2.01 2.72
N ALA C 165 -26.19 0.77 3.19
CA ALA C 165 -26.89 0.20 4.35
C ALA C 165 -26.66 0.99 5.64
N ASN C 166 -25.39 1.26 6.01
CA ASN C 166 -25.01 1.99 7.22
C ASN C 166 -25.48 3.45 7.21
N GLN C 167 -25.22 4.16 6.09
CA GLN C 167 -25.58 5.56 5.88
C GLN C 167 -27.08 5.80 5.94
N ASN C 168 -27.89 4.99 5.21
CA ASN C 168 -29.34 5.09 5.18
C ASN C 168 -29.96 4.81 6.55
N ALA C 169 -29.28 3.98 7.37
CA ALA C 169 -29.70 3.66 8.73
C ALA C 169 -29.47 4.85 9.66
N TRP C 170 -28.30 5.53 9.53
CA TRP C 170 -27.95 6.70 10.34
C TRP C 170 -28.82 7.91 9.99
N ILE C 171 -29.13 8.09 8.68
CA ILE C 171 -29.97 9.17 8.16
C ILE C 171 -31.42 9.00 8.67
N LYS C 172 -31.95 7.76 8.63
CA LYS C 172 -33.31 7.44 9.09
C LYS C 172 -33.47 7.75 10.59
N PHE C 173 -32.46 7.36 11.42
CA PHE C 173 -32.47 7.64 12.86
C PHE C 173 -32.38 9.15 13.12
N MSE C 174 -31.65 9.89 12.27
CA MSE C 174 -31.51 11.35 12.34
C MSE C 174 -32.84 12.04 12.03
O MSE C 174 -33.26 12.91 12.78
CB MSE C 174 -30.40 11.85 11.41
CG MSE C 174 -29.01 11.73 12.00
SE MSE C 174 -27.61 12.65 11.01
CE MSE C 174 -27.51 11.55 9.44
N GLU C 175 -33.50 11.61 10.92
CA GLU C 175 -34.80 12.14 10.45
C GLU C 175 -35.92 11.91 11.47
N ASP C 176 -35.92 10.74 12.15
CA ASP C 176 -36.90 10.37 13.16
C ASP C 176 -36.74 11.24 14.41
N GLU C 177 -35.50 11.53 14.82
CA GLU C 177 -35.17 12.36 15.98
C GLU C 177 -35.55 13.83 15.76
N ILE C 178 -35.41 14.34 14.52
CA ILE C 178 -35.75 15.72 14.15
C ILE C 178 -37.28 15.92 14.26
N ALA C 179 -38.06 14.92 13.82
CA ALA C 179 -39.52 14.95 13.84
C ALA C 179 -40.09 14.73 15.25
N SER C 180 -39.43 13.90 16.08
CA SER C 180 -39.91 13.56 17.44
C SER C 180 -39.29 14.45 18.54
N ASN C 181 -37.97 14.34 18.80
CA ASN C 181 -37.26 15.07 19.85
C ASN C 181 -37.26 16.59 19.62
N ASP C 182 -37.66 17.36 20.66
CA ASP C 182 -37.74 18.82 20.65
C ASP C 182 -36.34 19.45 20.58
N LYS C 183 -35.31 18.68 20.95
CA LYS C 183 -33.88 19.00 20.97
C LYS C 183 -33.36 19.30 19.56
N TYR C 184 -33.84 18.55 18.55
CA TYR C 184 -33.42 18.64 17.15
C TYR C 184 -34.54 19.13 16.21
N LYS C 185 -35.61 19.74 16.75
CA LYS C 185 -36.73 20.27 15.95
C LYS C 185 -36.32 21.50 15.12
N GLY C 186 -35.30 22.23 15.59
CA GLY C 186 -34.78 23.42 14.91
C GLY C 186 -33.98 23.11 13.66
N ILE C 187 -33.39 21.89 13.59
CA ILE C 187 -32.60 21.42 12.46
C ILE C 187 -33.54 21.11 11.29
N GLU C 188 -33.37 21.83 10.17
CA GLU C 188 -34.18 21.65 8.97
C GLU C 188 -33.34 21.05 7.85
N ILE C 189 -33.60 19.77 7.49
CA ILE C 189 -32.90 19.10 6.39
C ILE C 189 -33.51 19.66 5.10
N VAL C 190 -32.67 20.25 4.25
CA VAL C 190 -33.11 20.90 3.00
C VAL C 190 -32.63 20.14 1.76
N ALA C 191 -31.66 19.20 1.91
CA ALA C 191 -31.11 18.41 0.81
C ALA C 191 -30.49 17.10 1.28
N LYS C 192 -30.54 16.08 0.41
CA LYS C 192 -29.97 14.74 0.60
C LYS C 192 -29.28 14.32 -0.70
N VAL C 193 -27.97 14.59 -0.80
CA VAL C 193 -27.17 14.28 -1.99
C VAL C 193 -26.27 13.07 -1.73
N TYR C 194 -25.83 12.39 -2.80
CA TYR C 194 -25.02 11.18 -2.69
C TYR C 194 -23.71 11.30 -3.48
N GLY C 195 -22.61 11.19 -2.74
CA GLY C 195 -21.25 11.27 -3.28
C GLY C 195 -20.69 9.93 -3.76
N ASP C 196 -21.43 8.83 -3.51
CA ASP C 196 -21.13 7.43 -3.88
C ASP C 196 -19.75 6.95 -3.40
N ASP C 197 -19.26 7.46 -2.23
CA ASP C 197 -17.96 7.16 -1.61
C ASP C 197 -16.79 7.42 -2.59
N ASP C 198 -16.97 8.42 -3.48
CA ASP C 198 -16.00 8.84 -4.49
C ASP C 198 -15.68 10.31 -4.27
N ASP C 199 -14.39 10.65 -4.18
CA ASP C 199 -13.89 12.01 -3.93
C ASP C 199 -14.31 13.01 -5.00
N THR C 200 -14.21 12.63 -6.30
CA THR C 200 -14.56 13.51 -7.42
C THR C 200 -16.08 13.80 -7.43
N LYS C 201 -16.91 12.76 -7.20
CA LYS C 201 -18.38 12.87 -7.17
C LYS C 201 -18.83 13.68 -5.94
N SER C 202 -18.26 13.39 -4.74
CA SER C 202 -18.59 14.09 -3.48
C SER C 202 -18.24 15.58 -3.55
N PHE C 203 -17.15 15.94 -4.27
CA PHE C 203 -16.71 17.31 -4.46
C PHE C 203 -17.71 18.06 -5.37
N GLN C 204 -18.19 17.38 -6.44
CA GLN C 204 -19.15 17.91 -7.40
C GLN C 204 -20.52 18.09 -6.74
N GLU C 205 -20.90 17.15 -5.84
CA GLU C 205 -22.16 17.20 -5.09
C GLU C 205 -22.16 18.35 -4.08
N ALA C 206 -21.00 18.61 -3.45
CA ALA C 206 -20.81 19.72 -2.49
C ALA C 206 -20.85 21.07 -3.19
N GLN C 207 -20.30 21.13 -4.43
CA GLN C 207 -20.27 22.33 -5.28
C GLN C 207 -21.70 22.71 -5.70
N GLY C 208 -22.48 21.73 -6.15
CA GLY C 208 -23.87 21.90 -6.57
C GLY C 208 -24.82 22.16 -5.41
N LEU C 209 -24.45 21.68 -4.21
CA LEU C 209 -25.20 21.84 -2.96
C LEU C 209 -25.29 23.31 -2.56
N LEU C 210 -24.17 24.06 -2.70
CA LEU C 210 -24.10 25.49 -2.37
C LEU C 210 -24.70 26.33 -3.51
N GLN C 211 -24.83 25.74 -4.72
CA GLN C 211 -25.43 26.40 -5.89
C GLN C 211 -26.96 26.38 -5.77
N ALA C 212 -27.52 25.22 -5.35
CA ALA C 212 -28.97 25.02 -5.16
C ALA C 212 -29.46 25.57 -3.81
N HIS C 213 -28.59 25.55 -2.79
CA HIS C 213 -28.92 26.04 -1.45
C HIS C 213 -27.80 26.99 -0.95
N PRO C 214 -27.76 28.27 -1.38
CA PRO C 214 -26.69 29.18 -0.92
C PRO C 214 -26.90 29.70 0.51
N ASP C 215 -28.14 29.60 1.03
CA ASP C 215 -28.54 30.02 2.39
C ASP C 215 -28.30 28.89 3.43
N LEU C 216 -27.44 27.92 3.08
CA LEU C 216 -27.06 26.76 3.88
C LEU C 216 -26.27 27.15 5.12
N ASN C 217 -26.62 26.54 6.27
CA ASN C 217 -25.94 26.77 7.55
C ASN C 217 -24.85 25.73 7.81
N ALA C 218 -25.11 24.45 7.46
CA ALA C 218 -24.17 23.35 7.67
C ALA C 218 -24.38 22.16 6.72
N ILE C 219 -23.36 21.28 6.63
CA ILE C 219 -23.37 20.05 5.84
C ILE C 219 -22.97 18.88 6.76
N VAL C 220 -23.78 17.80 6.76
CA VAL C 220 -23.51 16.56 7.50
C VAL C 220 -23.04 15.54 6.49
N SER C 221 -21.83 15.00 6.69
CA SER C 221 -21.31 13.99 5.78
C SER C 221 -21.00 12.70 6.56
N PRO C 222 -21.94 11.71 6.56
CA PRO C 222 -21.68 10.46 7.29
C PRO C 222 -20.79 9.48 6.48
N THR C 223 -19.72 10.02 5.85
CA THR C 223 -18.75 9.28 5.04
C THR C 223 -17.39 10.00 5.12
N THR C 224 -16.30 9.22 5.34
CA THR C 224 -14.92 9.74 5.43
C THR C 224 -14.44 10.31 4.09
N VAL C 225 -14.94 9.75 2.97
CA VAL C 225 -14.61 10.19 1.60
C VAL C 225 -15.36 11.50 1.30
N GLY C 226 -16.64 11.54 1.65
CA GLY C 226 -17.51 12.68 1.44
C GLY C 226 -17.13 13.93 2.22
N ILE C 227 -16.78 13.78 3.51
CA ILE C 227 -16.38 14.88 4.41
C ILE C 227 -15.05 15.50 3.95
N ALA C 228 -14.13 14.67 3.39
CA ALA C 228 -12.82 15.11 2.91
C ALA C 228 -12.94 15.98 1.66
N ALA C 229 -13.79 15.56 0.70
CA ALA C 229 -14.04 16.29 -0.54
C ALA C 229 -14.80 17.60 -0.29
N THR C 230 -15.78 17.59 0.65
CA THR C 230 -16.58 18.77 1.01
C THR C 230 -15.70 19.81 1.72
N ALA C 231 -14.76 19.35 2.58
CA ALA C 231 -13.81 20.21 3.29
C ALA C 231 -12.86 20.89 2.32
N ARG C 232 -12.44 20.15 1.27
CA ARG C 232 -11.55 20.66 0.22
C ARG C 232 -12.26 21.74 -0.61
N TYR C 233 -13.58 21.59 -0.82
CA TYR C 233 -14.40 22.57 -1.56
C TYR C 233 -14.61 23.84 -0.74
N LEU C 234 -15.05 23.70 0.54
CA LEU C 234 -15.36 24.80 1.44
C LEU C 234 -14.13 25.67 1.74
N SER C 235 -12.94 25.05 1.94
CA SER C 235 -11.68 25.76 2.23
C SER C 235 -11.20 26.62 1.05
N THR C 236 -11.52 26.21 -0.19
CA THR C 236 -11.12 26.90 -1.42
C THR C 236 -12.21 27.89 -1.91
N SER C 237 -13.40 27.87 -1.29
CA SER C 237 -14.53 28.74 -1.66
C SER C 237 -14.72 29.89 -0.64
N ASP C 238 -15.68 30.80 -0.94
CA ASP C 238 -16.04 31.95 -0.11
C ASP C 238 -16.86 31.54 1.13
N TYR C 239 -17.33 30.27 1.17
CA TYR C 239 -18.13 29.72 2.26
C TYR C 239 -17.30 29.17 3.44
N LYS C 240 -15.95 29.36 3.40
CA LYS C 240 -15.02 28.91 4.46
C LYS C 240 -15.35 29.62 5.78
N GLY C 241 -15.68 28.81 6.80
CA GLY C 241 -16.05 29.30 8.12
C GLY C 241 -17.51 29.70 8.25
N LYS C 242 -18.14 30.11 7.13
CA LYS C 242 -19.55 30.53 7.06
C LYS C 242 -20.47 29.31 7.09
N VAL C 243 -20.19 28.30 6.24
CA VAL C 243 -20.95 27.04 6.18
C VAL C 243 -20.16 26.00 6.98
N PHE C 244 -20.77 25.49 8.05
CA PHE C 244 -20.17 24.49 8.93
C PHE C 244 -20.17 23.10 8.30
N LEU C 245 -19.14 22.30 8.59
CA LEU C 245 -19.05 20.95 8.09
C LEU C 245 -18.71 19.99 9.21
N THR C 246 -19.54 18.97 9.37
CA THR C 246 -19.40 17.94 10.39
C THR C 246 -19.84 16.58 9.80
N GLY C 247 -19.65 15.53 10.58
CA GLY C 247 -20.00 14.17 10.18
C GLY C 247 -18.94 13.19 10.63
N LEU C 248 -18.70 12.17 9.80
CA LEU C 248 -17.74 11.12 10.11
C LEU C 248 -16.51 11.25 9.24
N GLY C 249 -15.37 11.46 9.88
CA GLY C 249 -14.08 11.63 9.20
C GLY C 249 -12.91 11.01 9.93
N LEU C 250 -11.75 10.99 9.27
CA LEU C 250 -10.51 10.45 9.84
C LEU C 250 -9.63 11.58 10.37
N PRO C 251 -9.07 11.46 11.61
CA PRO C 251 -8.24 12.55 12.16
C PRO C 251 -7.08 13.01 11.27
N ASN C 252 -6.35 12.06 10.61
CA ASN C 252 -5.20 12.34 9.75
C ASN C 252 -5.54 13.20 8.52
N GLU C 253 -6.71 12.92 7.89
CA GLU C 253 -7.19 13.63 6.70
C GLU C 253 -7.80 14.99 7.03
N MSE C 254 -8.43 15.10 8.21
CA MSE C 254 -9.10 16.32 8.66
C MSE C 254 -8.17 17.31 9.33
O MSE C 254 -8.48 18.49 9.33
CB MSE C 254 -10.24 15.98 9.63
CG MSE C 254 -11.38 15.17 9.03
SE MSE C 254 -12.36 16.10 7.64
CE MSE C 254 -11.34 15.50 6.10
N ARG C 255 -7.04 16.82 9.91
CA ARG C 255 -6.05 17.62 10.66
C ARG C 255 -5.81 19.02 10.09
N SER C 256 -5.60 19.15 8.76
CA SER C 256 -5.35 20.44 8.11
C SER C 256 -6.59 21.34 8.10
N PHE C 257 -7.78 20.76 7.83
CA PHE C 257 -9.06 21.48 7.78
C PHE C 257 -9.53 21.92 9.17
N VAL C 258 -9.17 21.16 10.23
CA VAL C 258 -9.53 21.47 11.61
C VAL C 258 -8.71 22.69 12.07
N LYS C 259 -7.44 22.76 11.65
CA LYS C 259 -6.51 23.85 12.00
C LYS C 259 -6.78 25.13 11.20
N ASP C 260 -7.18 25.04 9.90
CA ASP C 260 -7.45 26.26 9.12
C ASP C 260 -8.87 26.84 9.37
N GLY C 261 -9.72 26.12 10.10
CA GLY C 261 -11.04 26.58 10.51
C GLY C 261 -12.22 26.14 9.67
N THR C 262 -11.96 25.30 8.63
CA THR C 262 -12.97 24.77 7.72
C THR C 262 -13.89 23.81 8.49
N VAL C 263 -13.29 22.96 9.36
CA VAL C 263 -13.98 22.00 10.20
C VAL C 263 -13.70 22.35 11.67
N LYS C 264 -14.76 22.40 12.50
CA LYS C 264 -14.63 22.71 13.92
C LYS C 264 -14.65 21.41 14.74
N GLU C 265 -15.61 20.51 14.46
CA GLU C 265 -15.76 19.22 15.14
C GLU C 265 -16.43 18.18 14.24
N PHE C 266 -15.86 16.98 14.22
CA PHE C 266 -16.34 15.80 13.49
C PHE C 266 -16.20 14.60 14.43
N ALA C 267 -16.75 13.43 14.05
CA ALA C 267 -16.66 12.26 14.92
C ALA C 267 -16.33 10.98 14.17
N LEU C 268 -15.78 10.00 14.90
CA LEU C 268 -15.46 8.66 14.42
C LEU C 268 -15.28 7.72 15.62
N TRP C 269 -14.33 6.78 15.54
CA TRP C 269 -14.03 5.75 16.52
C TRP C 269 -12.64 5.20 16.30
N ASP C 270 -11.95 4.80 17.37
CA ASP C 270 -10.62 4.20 17.26
C ASP C 270 -10.80 2.75 16.81
N PRO C 271 -10.35 2.35 15.58
CA PRO C 271 -10.55 0.96 15.15
C PRO C 271 -9.68 -0.02 15.92
N ALA C 272 -8.59 0.48 16.56
CA ALA C 272 -7.66 -0.28 17.38
C ALA C 272 -8.39 -0.87 18.60
N GLN C 273 -9.38 -0.12 19.13
CA GLN C 273 -10.22 -0.50 20.27
C GLN C 273 -11.11 -1.70 19.93
N LEU C 274 -11.58 -1.79 18.66
CA LEU C 274 -12.44 -2.86 18.15
C LEU C 274 -11.70 -4.21 18.16
N GLY C 275 -10.46 -4.21 17.69
CA GLY C 275 -9.61 -5.39 17.66
C GLY C 275 -9.17 -5.80 19.06
N TYR C 276 -8.97 -4.80 19.94
CA TYR C 276 -8.57 -4.96 21.34
C TYR C 276 -9.64 -5.73 22.13
N VAL C 277 -10.92 -5.28 22.07
CA VAL C 277 -12.06 -5.89 22.74
C VAL C 277 -12.30 -7.32 22.20
N ALA C 278 -12.21 -7.49 20.86
CA ALA C 278 -12.40 -8.78 20.18
C ALA C 278 -11.39 -9.85 20.63
N ALA C 279 -10.12 -9.45 20.85
CA ALA C 279 -9.07 -10.37 21.29
C ALA C 279 -9.30 -10.82 22.74
N TYR C 280 -9.81 -9.91 23.59
CA TYR C 280 -10.13 -10.20 24.98
C TYR C 280 -11.41 -11.04 25.09
N ALA C 281 -12.37 -10.83 24.17
CA ALA C 281 -13.63 -11.58 24.10
C ALA C 281 -13.39 -13.02 23.70
N GLY C 282 -12.46 -13.23 22.76
CA GLY C 282 -12.07 -14.55 22.29
C GLY C 282 -11.31 -15.35 23.33
N ALA C 283 -10.44 -14.66 24.09
CA ALA C 283 -9.65 -15.23 25.18
C ALA C 283 -10.56 -15.67 26.34
N ALA C 284 -11.64 -14.89 26.60
CA ALA C 284 -12.62 -15.15 27.64
C ALA C 284 -13.47 -16.38 27.32
N LEU C 285 -13.82 -16.57 26.03
CA LEU C 285 -14.61 -17.72 25.54
C LEU C 285 -13.78 -19.01 25.58
N ASP C 286 -12.49 -18.91 25.20
CA ASP C 286 -11.55 -20.03 25.12
C ASP C 286 -11.10 -20.51 26.51
N SER C 287 -10.94 -19.58 27.48
CA SER C 287 -10.54 -19.92 28.85
C SER C 287 -11.69 -20.56 29.64
N GLY C 288 -12.92 -20.21 29.28
CA GLY C 288 -14.13 -20.72 29.90
C GLY C 288 -14.79 -19.76 30.88
N ALA C 289 -14.35 -18.47 30.86
CA ALA C 289 -14.86 -17.41 31.72
C ALA C 289 -16.31 -17.04 31.37
N ILE C 290 -16.65 -17.10 30.07
CA ILE C 290 -18.00 -16.82 29.54
C ILE C 290 -18.40 -17.89 28.53
N LYS C 291 -19.71 -18.21 28.48
CA LYS C 291 -20.29 -19.19 27.56
C LYS C 291 -20.69 -18.53 26.24
N GLY C 292 -20.83 -17.20 26.27
CA GLY C 292 -21.23 -16.38 25.13
C GLY C 292 -22.71 -16.06 25.13
N GLU C 293 -23.33 -16.11 26.32
CA GLU C 293 -24.76 -15.85 26.55
C GLU C 293 -25.04 -14.37 26.78
N VAL C 294 -26.29 -13.94 26.51
CA VAL C 294 -26.78 -12.57 26.67
C VAL C 294 -26.85 -12.25 28.18
N GLY C 295 -26.17 -11.17 28.58
CA GLY C 295 -26.11 -10.72 29.96
C GLY C 295 -24.79 -10.95 30.66
N GLU C 296 -23.94 -11.84 30.09
CA GLU C 296 -22.62 -12.17 30.63
C GLU C 296 -21.64 -10.99 30.50
N LYS C 297 -20.64 -10.93 31.40
CA LYS C 297 -19.63 -9.87 31.42
C LYS C 297 -18.21 -10.43 31.33
N PHE C 298 -17.33 -9.70 30.63
CA PHE C 298 -15.91 -10.04 30.46
C PHE C 298 -15.06 -8.76 30.56
N THR C 299 -13.81 -8.90 31.03
CA THR C 299 -12.88 -7.77 31.15
C THR C 299 -12.10 -7.62 29.83
N ALA C 300 -12.12 -6.41 29.27
CA ALA C 300 -11.45 -6.08 28.01
C ALA C 300 -10.21 -5.20 28.27
N GLY C 301 -9.30 -5.73 29.07
CA GLY C 301 -8.03 -5.10 29.43
C GLY C 301 -8.11 -3.72 30.05
N ASN C 302 -7.47 -2.74 29.39
CA ASN C 302 -7.40 -1.34 29.81
C ASN C 302 -8.71 -0.58 29.56
N LEU C 303 -9.62 -1.16 28.76
CA LEU C 303 -10.92 -0.55 28.43
C LEU C 303 -12.03 -0.92 29.43
N GLY C 304 -11.70 -1.74 30.43
CA GLY C 304 -12.64 -2.16 31.46
C GLY C 304 -13.53 -3.31 31.04
N GLU C 305 -14.63 -3.54 31.78
CA GLU C 305 -15.58 -4.62 31.50
C GLU C 305 -16.59 -4.27 30.41
N ARG C 306 -17.13 -5.31 29.74
CA ARG C 306 -18.15 -5.21 28.68
C ARG C 306 -19.22 -6.28 28.87
N THR C 307 -20.48 -5.96 28.51
CA THR C 307 -21.62 -6.87 28.64
C THR C 307 -22.05 -7.37 27.25
N ILE C 308 -22.38 -8.67 27.14
CA ILE C 308 -22.88 -9.29 25.92
C ILE C 308 -24.37 -8.97 25.83
N GLY C 309 -24.74 -8.19 24.82
CA GLY C 309 -26.12 -7.77 24.59
C GLY C 309 -26.90 -8.74 23.72
N GLU C 310 -28.03 -8.27 23.17
CA GLU C 310 -28.92 -9.04 22.30
C GLU C 310 -28.21 -9.46 21.00
N ASN C 311 -28.53 -10.68 20.51
CA ASN C 311 -27.97 -11.32 19.30
C ASN C 311 -26.43 -11.51 19.45
N LYS C 312 -25.98 -11.85 20.69
CA LYS C 312 -24.57 -12.09 21.09
C LYS C 312 -23.63 -10.94 20.63
N THR C 313 -24.11 -9.68 20.73
CA THR C 313 -23.39 -8.48 20.28
C THR C 313 -22.82 -7.69 21.47
N VAL C 314 -21.53 -7.30 21.35
CA VAL C 314 -20.78 -6.47 22.31
C VAL C 314 -20.45 -5.14 21.64
N VAL C 315 -20.79 -4.01 22.28
CA VAL C 315 -20.52 -2.67 21.74
C VAL C 315 -19.25 -2.13 22.42
N VAL C 316 -18.27 -1.67 21.61
CA VAL C 316 -16.99 -1.11 22.07
C VAL C 316 -17.25 0.17 22.88
N GLY C 317 -18.10 1.06 22.36
CA GLY C 317 -18.46 2.30 23.05
C GLY C 317 -19.15 3.33 22.18
N ASP C 318 -19.27 4.55 22.73
CA ASP C 318 -19.88 5.70 22.06
C ASP C 318 -18.89 6.32 21.06
N PRO C 319 -19.35 7.02 19.98
CA PRO C 319 -18.39 7.62 19.03
C PRO C 319 -17.52 8.71 19.66
N VAL C 320 -16.25 8.77 19.23
CA VAL C 320 -15.24 9.73 19.71
C VAL C 320 -15.38 11.03 18.89
N ARG C 321 -15.49 12.18 19.58
CA ARG C 321 -15.59 13.49 18.93
C ARG C 321 -14.19 14.13 18.85
N PHE C 322 -13.81 14.56 17.64
CA PHE C 322 -12.50 15.15 17.39
C PHE C 322 -12.60 16.62 17.04
N ASN C 323 -11.81 17.44 17.73
CA ASN C 323 -11.69 18.89 17.56
C ASN C 323 -10.20 19.26 17.61
N ALA C 324 -9.88 20.57 17.53
CA ALA C 324 -8.50 21.09 17.53
C ALA C 324 -7.71 20.82 18.82
N ASP C 325 -8.38 20.33 19.90
CA ASP C 325 -7.77 20.07 21.20
C ASP C 325 -7.30 18.61 21.37
N ASN C 326 -7.77 17.68 20.52
CA ASN C 326 -7.41 16.26 20.61
C ASN C 326 -7.07 15.64 19.23
N ILE C 327 -7.12 16.42 18.14
CA ILE C 327 -6.84 15.97 16.77
C ILE C 327 -5.41 15.39 16.63
N ASP C 328 -4.40 16.00 17.30
CA ASP C 328 -3.00 15.59 17.24
C ASP C 328 -2.67 14.40 18.17
N LYS C 329 -3.68 13.85 18.87
CA LYS C 329 -3.52 12.72 19.80
C LYS C 329 -3.91 11.38 19.16
N TYR C 330 -4.42 11.40 17.92
CA TYR C 330 -4.86 10.21 17.18
C TYR C 330 -4.17 10.09 15.83
N ASP C 331 -3.73 8.85 15.49
CA ASP C 331 -3.04 8.55 14.24
C ASP C 331 -3.70 7.38 13.48
N PHE C 332 -4.76 7.69 12.70
CA PHE C 332 -5.51 6.76 11.85
C PHE C 332 -6.36 7.52 10.81
N GLY D 21 15.03 8.88 16.49
CA GLY D 21 15.08 8.99 17.94
C GLY D 21 16.01 10.09 18.40
N SER D 22 15.62 11.35 18.12
CA SER D 22 16.34 12.60 18.39
C SER D 22 16.75 12.78 19.87
N TYR D 23 17.75 13.65 20.10
CA TYR D 23 18.29 13.96 21.41
C TYR D 23 18.14 15.45 21.76
N ASP D 24 17.28 15.73 22.76
CA ASP D 24 17.02 17.08 23.29
C ASP D 24 16.79 16.96 24.81
N VAL D 25 17.57 16.07 25.45
CA VAL D 25 17.52 15.75 26.87
C VAL D 25 18.78 16.30 27.58
N SER D 26 19.20 17.52 27.18
CA SER D 26 20.37 18.23 27.70
C SER D 26 20.22 18.64 29.19
N SER D 27 18.97 18.69 29.69
CA SER D 27 18.63 19.05 31.06
C SER D 27 18.04 17.87 31.85
N GLN D 28 17.76 16.75 31.16
CA GLN D 28 17.14 15.55 31.73
C GLN D 28 18.18 14.57 32.30
N SER D 29 17.73 13.70 33.25
CA SER D 29 18.57 12.71 33.92
C SER D 29 18.17 11.27 33.56
N ILE D 30 19.18 10.37 33.48
CA ILE D 30 19.02 8.95 33.18
C ILE D 30 19.65 8.10 34.29
N THR D 31 18.97 7.01 34.70
CA THR D 31 19.46 6.11 35.72
C THR D 31 19.30 4.66 35.26
N PHE D 32 20.38 3.87 35.39
CA PHE D 32 20.45 2.45 35.03
C PHE D 32 20.44 1.61 36.30
N ILE D 33 19.45 0.71 36.43
CA ILE D 33 19.32 -0.18 37.58
C ILE D 33 19.51 -1.64 37.13
N PRO D 34 20.71 -2.25 37.37
CA PRO D 34 20.89 -3.66 36.99
C PRO D 34 20.24 -4.59 38.00
N LYS D 35 20.24 -5.91 37.72
CA LYS D 35 19.70 -6.95 38.61
C LYS D 35 20.46 -6.97 39.94
N GLN D 36 21.79 -6.79 39.85
CA GLN D 36 22.74 -6.80 40.96
C GLN D 36 23.95 -5.93 40.58
N LEU D 37 24.55 -5.26 41.58
CA LEU D 37 25.73 -4.43 41.36
C LEU D 37 26.99 -5.28 41.28
N ASN D 38 28.02 -4.76 40.58
CA ASN D 38 29.35 -5.34 40.39
C ASN D 38 29.33 -6.78 39.81
N ASN D 39 28.50 -6.99 38.78
CA ASN D 39 28.43 -8.25 38.06
C ASN D 39 29.21 -8.06 36.75
N PRO D 40 30.27 -8.86 36.49
CA PRO D 40 31.12 -8.63 35.29
C PRO D 40 30.38 -8.41 33.97
N PHE D 41 29.48 -9.33 33.60
CA PHE D 41 28.72 -9.26 32.34
C PHE D 41 27.73 -8.10 32.33
N SER D 42 27.06 -7.87 33.48
CA SER D 42 26.08 -6.80 33.68
C SER D 42 26.74 -5.41 33.62
N ASP D 43 28.01 -5.29 34.08
CA ASP D 43 28.78 -4.04 34.08
C ASP D 43 29.18 -3.61 32.67
N VAL D 44 29.34 -4.57 31.72
CA VAL D 44 29.67 -4.30 30.32
C VAL D 44 28.41 -3.68 29.66
N MSE D 45 27.21 -4.18 30.06
CA MSE D 45 25.91 -3.70 29.62
C MSE D 45 25.68 -2.27 30.12
O MSE D 45 25.23 -1.42 29.34
CB MSE D 45 24.80 -4.65 30.11
CG MSE D 45 23.39 -4.24 29.71
SE MSE D 45 22.01 -5.23 30.68
CE MSE D 45 22.42 -4.69 32.52
N LEU D 46 26.01 -1.99 31.40
CA LEU D 46 25.90 -0.67 32.04
C LEU D 46 26.88 0.32 31.39
N GLY D 47 28.10 -0.16 31.11
CA GLY D 47 29.17 0.62 30.46
C GLY D 47 28.78 1.14 29.10
N GLY D 48 28.07 0.33 28.33
CA GLY D 48 27.54 0.67 27.01
C GLY D 48 26.42 1.68 27.10
N GLY D 49 25.64 1.60 28.17
CA GLY D 49 24.53 2.50 28.47
C GLY D 49 25.00 3.89 28.84
N LYS D 50 26.04 3.97 29.69
CA LYS D 50 26.66 5.21 30.14
C LYS D 50 27.34 5.93 28.97
N ASN D 51 28.04 5.17 28.11
CA ASN D 51 28.75 5.64 26.92
C ASN D 51 27.76 6.27 25.91
N ALA D 52 26.58 5.64 25.75
CA ALA D 52 25.51 6.11 24.87
C ALA D 52 24.86 7.38 25.44
N ALA D 53 24.59 7.41 26.76
CA ALA D 53 23.99 8.54 27.48
C ALA D 53 24.88 9.79 27.40
N GLY D 54 26.19 9.60 27.38
CA GLY D 54 27.19 10.66 27.23
C GLY D 54 27.14 11.26 25.85
N GLU D 55 27.01 10.38 24.81
CA GLU D 55 26.91 10.75 23.39
C GLU D 55 25.64 11.57 23.14
N ILE D 56 24.51 11.13 23.73
CA ILE D 56 23.19 11.77 23.65
C ILE D 56 23.26 13.18 24.26
N GLY D 57 23.86 13.27 25.45
CA GLY D 57 24.05 14.53 26.15
C GLY D 57 23.16 14.73 27.37
N PHE D 58 22.92 13.66 28.15
CA PHE D 58 22.12 13.71 29.37
C PHE D 58 22.83 14.53 30.44
N ALA D 59 22.07 15.34 31.21
CA ALA D 59 22.60 16.19 32.27
C ALA D 59 23.18 15.36 33.42
N GLU D 60 22.47 14.28 33.83
CA GLU D 60 22.89 13.38 34.90
C GLU D 60 22.78 11.93 34.46
N VAL D 61 23.87 11.16 34.63
CA VAL D 61 23.94 9.74 34.29
C VAL D 61 24.34 8.99 35.57
N ASN D 62 23.43 8.18 36.13
CA ASN D 62 23.66 7.45 37.37
C ASN D 62 23.40 5.95 37.25
N VAL D 63 24.03 5.16 38.12
CA VAL D 63 23.88 3.70 38.20
C VAL D 63 23.65 3.35 39.68
N VAL D 64 22.43 2.93 40.02
CA VAL D 64 22.05 2.53 41.38
C VAL D 64 21.48 1.11 41.32
N GLY D 65 21.54 0.38 42.43
CA GLY D 65 21.02 -0.98 42.46
C GLY D 65 21.35 -1.80 43.69
N PRO D 66 20.74 -3.00 43.82
CA PRO D 66 21.02 -3.83 45.00
C PRO D 66 22.33 -4.61 44.88
N LEU D 67 22.88 -5.04 46.03
CA LEU D 67 24.10 -5.84 46.07
C LEU D 67 23.76 -7.31 45.86
N GLU D 68 22.48 -7.68 46.10
CA GLU D 68 21.95 -9.04 45.96
C GLU D 68 20.77 -9.05 44.99
N ALA D 69 20.74 -10.03 44.08
CA ALA D 69 19.68 -10.16 43.08
C ALA D 69 18.49 -10.95 43.63
N SER D 70 17.53 -10.22 44.22
CA SER D 70 16.28 -10.74 44.79
C SER D 70 15.09 -10.15 44.04
N SER D 71 13.93 -10.83 44.05
CA SER D 71 12.69 -10.45 43.37
C SER D 71 12.28 -8.97 43.60
N SER D 72 12.23 -8.51 44.88
CA SER D 72 11.84 -7.15 45.25
C SER D 72 13.03 -6.28 45.75
N SER D 73 14.28 -6.66 45.44
CA SER D 73 15.49 -5.96 45.88
C SER D 73 15.68 -4.58 45.20
N GLN D 74 15.06 -4.38 44.02
CA GLN D 74 15.17 -3.15 43.23
C GLN D 74 14.09 -2.09 43.56
N VAL D 75 12.98 -2.51 44.22
CA VAL D 75 11.81 -1.70 44.58
C VAL D 75 12.20 -0.41 45.34
N SER D 76 13.10 -0.51 46.35
CA SER D 76 13.55 0.64 47.14
C SER D 76 14.35 1.64 46.30
N PHE D 77 15.11 1.14 45.30
CA PHE D 77 15.93 1.94 44.40
C PHE D 77 15.09 2.66 43.33
N ILE D 78 13.99 2.02 42.86
CA ILE D 78 13.07 2.61 41.88
C ILE D 78 12.38 3.82 42.54
N ASN D 79 11.83 3.62 43.77
CA ASN D 79 11.14 4.64 44.56
C ASN D 79 12.06 5.83 44.90
N SER D 80 13.36 5.55 45.15
CA SER D 80 14.37 6.56 45.47
C SER D 80 14.62 7.50 44.28
N GLU D 81 14.66 6.95 43.05
CA GLU D 81 14.89 7.70 41.82
C GLU D 81 13.67 8.56 41.44
N VAL D 82 12.45 8.11 41.81
CA VAL D 82 11.20 8.85 41.57
C VAL D 82 11.21 10.11 42.45
N GLN D 83 11.66 9.95 43.72
CA GLN D 83 11.79 11.03 44.71
C GLN D 83 12.82 12.07 44.26
N ALA D 84 13.88 11.62 43.55
CA ALA D 84 14.95 12.47 43.01
C ALA D 84 14.51 13.17 41.71
N GLY D 85 13.41 12.71 41.13
CA GLY D 85 12.84 13.26 39.90
C GLY D 85 13.60 12.87 38.65
N THR D 86 13.96 11.57 38.54
CA THR D 86 14.67 11.01 37.39
C THR D 86 13.70 10.96 36.21
N ASN D 87 14.16 11.37 35.01
CA ASN D 87 13.36 11.43 33.80
C ASN D 87 13.32 10.11 33.04
N VAL D 88 14.47 9.41 32.93
CA VAL D 88 14.56 8.13 32.21
C VAL D 88 15.08 7.06 33.17
N LEU D 89 14.36 5.92 33.26
CA LEU D 89 14.75 4.80 34.10
C LEU D 89 14.93 3.53 33.25
N VAL D 90 16.16 3.01 33.22
CA VAL D 90 16.51 1.79 32.48
C VAL D 90 16.75 0.68 33.50
N ILE D 91 15.91 -0.37 33.51
CA ILE D 91 16.00 -1.43 34.53
C ILE D 91 15.94 -2.86 33.97
N ALA D 92 16.77 -3.75 34.54
CA ALA D 92 16.79 -5.18 34.26
C ALA D 92 16.05 -5.86 35.42
N ALA D 93 14.73 -6.09 35.24
CA ALA D 93 13.82 -6.63 36.26
C ALA D 93 14.24 -8.00 36.78
N ASN D 94 14.36 -8.11 38.12
CA ASN D 94 14.69 -9.35 38.82
C ASN D 94 13.49 -10.31 38.79
N ASP D 95 12.28 -9.74 38.90
CA ASP D 95 10.98 -10.43 38.83
C ASP D 95 10.03 -9.56 38.01
N PRO D 96 9.26 -10.13 37.06
CA PRO D 96 8.37 -9.27 36.23
C PRO D 96 7.20 -8.63 36.98
N ASP D 97 6.77 -9.20 38.12
CA ASP D 97 5.63 -8.72 38.88
C ASP D 97 5.99 -7.91 40.15
N ALA D 98 7.08 -8.29 40.84
CA ALA D 98 7.52 -7.66 42.09
C ALA D 98 7.93 -6.18 41.94
N VAL D 99 8.57 -5.82 40.81
CA VAL D 99 9.04 -4.45 40.55
C VAL D 99 7.95 -3.59 39.88
N CYS D 100 6.89 -4.23 39.34
CA CYS D 100 5.79 -3.61 38.60
C CYS D 100 5.08 -2.45 39.35
N PRO D 101 4.64 -2.53 40.65
CA PRO D 101 3.97 -1.37 41.26
C PRO D 101 4.86 -0.13 41.39
N ALA D 102 6.17 -0.33 41.66
CA ALA D 102 7.16 0.75 41.78
C ALA D 102 7.42 1.42 40.43
N LEU D 103 7.45 0.63 39.34
CA LEU D 103 7.65 1.12 37.97
C LEU D 103 6.40 1.83 37.44
N GLN D 104 5.20 1.39 37.88
CA GLN D 104 3.93 2.01 37.49
C GLN D 104 3.78 3.38 38.16
N ASP D 105 4.35 3.53 39.37
CA ASP D 105 4.37 4.79 40.14
C ASP D 105 5.35 5.77 39.50
N ALA D 106 6.38 5.25 38.80
CA ALA D 106 7.37 6.05 38.08
C ALA D 106 6.74 6.66 36.83
N ARG D 107 5.96 5.85 36.07
CA ARG D 107 5.27 6.25 34.84
C ARG D 107 4.22 7.33 35.12
N LYS D 108 3.50 7.26 36.27
CA LYS D 108 2.48 8.25 36.62
C LYS D 108 3.13 9.57 37.09
N ALA D 109 4.40 9.50 37.55
CA ALA D 109 5.19 10.64 38.01
C ALA D 109 5.86 11.37 36.82
N GLY D 110 5.86 10.74 35.65
CA GLY D 110 6.43 11.31 34.43
C GLY D 110 7.74 10.70 33.97
N THR D 111 8.20 9.65 34.69
CA THR D 111 9.45 8.94 34.38
C THR D 111 9.21 7.96 33.23
N LYS D 112 10.10 7.98 32.22
CA LYS D 112 10.04 7.06 31.09
C LYS D 112 10.74 5.77 31.51
N VAL D 113 9.98 4.67 31.59
CA VAL D 113 10.51 3.38 32.04
C VAL D 113 10.85 2.51 30.83
N VAL D 114 12.12 2.11 30.74
CA VAL D 114 12.68 1.24 29.70
C VAL D 114 13.28 0.02 30.38
N THR D 115 12.82 -1.18 30.00
CA THR D 115 13.35 -2.42 30.56
C THR D 115 14.32 -3.04 29.55
N PHE D 116 15.40 -3.68 30.04
CA PHE D 116 16.41 -4.33 29.18
C PHE D 116 16.87 -5.65 29.81
N ASP D 117 17.35 -6.60 28.97
CA ASP D 117 17.79 -7.96 29.36
C ASP D 117 16.57 -8.78 29.80
N SER D 118 16.02 -8.47 31.00
CA SER D 118 14.84 -9.13 31.56
C SER D 118 13.71 -8.12 31.73
N ASP D 119 12.53 -8.47 31.19
CA ASP D 119 11.34 -7.63 31.19
C ASP D 119 10.52 -7.76 32.48
N SER D 120 9.65 -6.75 32.69
CA SER D 120 8.66 -6.70 33.75
C SER D 120 7.32 -7.10 33.10
N ALA D 121 6.16 -6.81 33.75
CA ALA D 121 4.88 -7.09 33.10
C ALA D 121 4.62 -6.01 32.04
N ALA D 122 3.74 -6.27 31.07
CA ALA D 122 3.43 -5.38 29.94
C ALA D 122 2.94 -3.97 30.36
N ASP D 123 2.33 -3.80 31.55
CA ASP D 123 1.77 -2.52 32.00
C ASP D 123 2.68 -1.70 32.95
N CYS D 124 3.95 -2.10 33.17
CA CYS D 124 4.86 -1.37 34.07
C CYS D 124 5.95 -0.58 33.32
N ARG D 125 6.12 -0.83 32.00
CA ARG D 125 7.16 -0.15 31.21
C ARG D 125 6.60 0.45 29.91
N ASP D 126 7.32 1.46 29.37
CA ASP D 126 7.00 2.15 28.12
C ASP D 126 7.59 1.41 26.91
N LEU D 127 8.75 0.72 27.12
CA LEU D 127 9.46 -0.03 26.07
C LEU D 127 10.38 -1.10 26.67
N PHE D 128 10.57 -2.22 25.95
CA PHE D 128 11.46 -3.32 26.37
C PHE D 128 12.52 -3.56 25.29
N ILE D 129 13.79 -3.67 25.71
CA ILE D 129 14.93 -3.91 24.82
C ILE D 129 15.45 -5.33 25.05
N ASN D 130 15.19 -6.24 24.10
CA ASN D 130 15.64 -7.62 24.17
C ASN D 130 16.95 -7.75 23.38
N GLN D 131 17.94 -8.44 23.97
CA GLN D 131 19.27 -8.67 23.40
C GLN D 131 19.18 -9.48 22.10
N VAL D 132 18.55 -10.67 22.17
CA VAL D 132 18.38 -11.62 21.06
C VAL D 132 17.02 -12.32 21.15
N GLU D 133 16.53 -12.86 20.00
CA GLU D 133 15.28 -13.61 19.94
C GLU D 133 15.55 -15.04 20.42
N SER D 134 14.67 -15.57 21.30
CA SER D 134 14.75 -16.91 21.91
C SER D 134 14.89 -18.03 20.86
N LYS D 135 14.16 -17.93 19.73
CA LYS D 135 14.21 -18.90 18.64
C LYS D 135 15.53 -18.77 17.85
N GLN D 136 16.03 -17.53 17.67
CA GLN D 136 17.25 -17.22 16.92
C GLN D 136 18.51 -17.76 17.62
N VAL D 137 18.51 -17.88 18.97
CA VAL D 137 19.63 -18.43 19.76
C VAL D 137 19.83 -19.92 19.39
N ALA D 138 18.71 -20.66 19.28
CA ALA D 138 18.67 -22.08 18.92
C ALA D 138 19.06 -22.30 17.45
N ILE D 139 18.64 -21.40 16.54
CA ILE D 139 18.93 -21.46 15.10
C ILE D 139 20.45 -21.24 14.87
N THR D 140 21.05 -20.24 15.57
CA THR D 140 22.48 -19.91 15.49
C THR D 140 23.33 -21.10 15.94
N MSE D 141 22.90 -21.82 17.00
CA MSE D 141 23.59 -23.00 17.52
C MSE D 141 23.51 -24.17 16.52
O MSE D 141 24.53 -24.80 16.26
CB MSE D 141 23.06 -23.41 18.89
CG MSE D 141 23.62 -22.54 20.02
SE MSE D 141 23.12 -23.17 21.80
CE MSE D 141 21.21 -22.76 21.76
N LEU D 142 22.30 -24.43 15.95
CA LEU D 142 22.06 -25.49 14.96
C LEU D 142 22.88 -25.28 13.68
N ASP D 143 23.01 -24.00 13.23
CA ASP D 143 23.76 -23.60 12.04
C ASP D 143 25.26 -23.90 12.20
N MSE D 144 25.84 -23.56 13.37
CA MSE D 144 27.25 -23.78 13.69
C MSE D 144 27.57 -25.29 13.79
O MSE D 144 28.65 -25.70 13.37
CB MSE D 144 27.65 -23.07 14.99
CG MSE D 144 27.65 -21.55 14.88
SE MSE D 144 28.21 -20.63 16.51
CE MSE D 144 26.92 -21.36 17.79
N VAL D 145 26.61 -26.11 14.32
CA VAL D 145 26.73 -27.56 14.44
C VAL D 145 26.80 -28.17 13.04
N SER D 146 25.74 -27.95 12.21
CA SER D 146 25.59 -28.45 10.84
C SER D 146 26.75 -28.05 9.93
N ASP D 147 27.32 -26.85 10.13
CA ASP D 147 28.48 -26.35 9.38
C ASP D 147 29.76 -27.12 9.76
N GLN D 148 29.96 -27.38 11.07
CA GLN D 148 31.13 -28.07 11.60
C GLN D 148 31.09 -29.60 11.36
N ILE D 149 29.94 -30.27 11.58
CA ILE D 149 29.82 -31.72 11.38
C ILE D 149 29.74 -32.07 9.88
N GLY D 150 29.25 -31.13 9.07
CA GLY D 150 29.13 -31.30 7.62
C GLY D 150 27.77 -31.76 7.14
N GLY D 151 26.71 -31.27 7.78
CA GLY D 151 25.33 -31.58 7.45
C GLY D 151 24.69 -32.67 8.27
N SER D 152 25.46 -33.73 8.61
CA SER D 152 24.98 -34.88 9.38
C SER D 152 26.03 -35.40 10.37
N GLY D 153 25.56 -36.08 11.41
CA GLY D 153 26.40 -36.67 12.44
C GLY D 153 25.71 -36.81 13.79
N LYS D 154 26.34 -37.55 14.72
CA LYS D 154 25.84 -37.79 16.08
C LYS D 154 26.28 -36.63 16.99
N VAL D 155 25.29 -35.92 17.56
CA VAL D 155 25.50 -34.74 18.41
C VAL D 155 24.92 -34.98 19.82
N ALA D 156 25.62 -34.46 20.85
CA ALA D 156 25.21 -34.55 22.26
C ALA D 156 25.05 -33.15 22.86
N ILE D 157 24.04 -32.97 23.74
CA ILE D 157 23.78 -31.67 24.38
C ILE D 157 24.21 -31.74 25.85
N LEU D 158 25.08 -30.80 26.26
CA LEU D 158 25.55 -30.62 27.64
C LEU D 158 24.99 -29.29 28.14
N SER D 159 23.81 -29.36 28.77
CA SER D 159 23.07 -28.20 29.28
C SER D 159 23.46 -27.84 30.72
N ALA D 160 22.80 -26.81 31.29
CA ALA D 160 22.99 -26.34 32.66
C ALA D 160 22.23 -27.27 33.61
N THR D 161 21.30 -26.75 34.46
CA THR D 161 20.50 -27.59 35.35
C THR D 161 19.33 -28.17 34.52
N ALA D 162 18.73 -29.29 34.99
CA ALA D 162 17.62 -29.96 34.30
C ALA D 162 16.37 -29.07 34.19
N ASN D 163 16.14 -28.18 35.19
CA ASN D 163 15.00 -27.26 35.28
C ASN D 163 15.32 -25.83 34.77
N ALA D 164 16.49 -25.62 34.14
CA ALA D 164 16.91 -24.31 33.60
C ALA D 164 15.93 -23.81 32.53
N ALA D 165 15.22 -22.70 32.83
CA ALA D 165 14.19 -22.09 31.99
C ALA D 165 14.71 -21.69 30.60
N ASN D 166 15.82 -20.93 30.53
CA ASN D 166 16.40 -20.44 29.27
C ASN D 166 16.96 -21.60 28.41
N GLN D 167 17.72 -22.53 29.04
CA GLN D 167 18.34 -23.67 28.37
C GLN D 167 17.30 -24.65 27.77
N ASN D 168 16.25 -25.02 28.54
CA ASN D 168 15.18 -25.93 28.11
C ASN D 168 14.35 -25.32 26.97
N ALA D 169 14.24 -23.98 26.91
CA ALA D 169 13.52 -23.25 25.87
C ALA D 169 14.27 -23.36 24.52
N TRP D 170 15.61 -23.17 24.53
CA TRP D 170 16.47 -23.26 23.34
C TRP D 170 16.57 -24.71 22.82
N ILE D 171 16.62 -25.71 23.74
CA ILE D 171 16.69 -27.13 23.42
C ILE D 171 15.36 -27.55 22.75
N LYS D 172 14.21 -27.06 23.27
CA LYS D 172 12.88 -27.33 22.70
C LYS D 172 12.79 -26.80 21.27
N PHE D 173 13.32 -25.57 21.02
CA PHE D 173 13.36 -24.95 19.69
C PHE D 173 14.30 -25.73 18.75
N MSE D 174 15.43 -26.25 19.28
CA MSE D 174 16.42 -27.03 18.53
C MSE D 174 15.85 -28.38 18.08
O MSE D 174 16.00 -28.75 16.91
CB MSE D 174 17.70 -27.24 19.34
CG MSE D 174 18.67 -26.07 19.25
SE MSE D 174 20.46 -26.44 19.95
CE MSE D 174 20.08 -26.45 21.84
N GLU D 175 15.17 -29.11 19.01
CA GLU D 175 14.55 -30.43 18.77
C GLU D 175 13.41 -30.33 17.75
N ASP D 176 12.62 -29.23 17.80
CA ASP D 176 11.50 -28.97 16.89
C ASP D 176 12.00 -28.72 15.46
N GLU D 177 13.13 -27.99 15.31
CA GLU D 177 13.76 -27.66 14.03
C GLU D 177 14.37 -28.90 13.37
N ILE D 178 14.93 -29.84 14.16
CA ILE D 178 15.54 -31.08 13.67
C ILE D 178 14.44 -31.98 13.07
N ALA D 179 13.27 -32.05 13.72
CA ALA D 179 12.13 -32.85 13.27
C ALA D 179 11.40 -32.23 12.08
N SER D 180 11.33 -30.88 12.00
CA SER D 180 10.61 -30.18 10.93
C SER D 180 11.51 -29.77 9.75
N ASN D 181 12.47 -28.83 9.95
CA ASN D 181 13.36 -28.30 8.91
C ASN D 181 14.29 -29.38 8.34
N ASP D 182 14.33 -29.47 6.99
CA ASP D 182 15.15 -30.43 6.24
C ASP D 182 16.66 -30.12 6.34
N LYS D 183 17.01 -28.87 6.70
CA LYS D 183 18.39 -28.40 6.86
C LYS D 183 19.07 -29.07 8.07
N TYR D 184 18.29 -29.32 9.15
CA TYR D 184 18.80 -29.90 10.39
C TYR D 184 18.33 -31.36 10.60
N LYS D 185 17.78 -32.02 9.55
CA LYS D 185 17.32 -33.41 9.63
C LYS D 185 18.50 -34.40 9.79
N GLY D 186 19.68 -34.00 9.31
CA GLY D 186 20.90 -34.77 9.40
C GLY D 186 21.50 -34.83 10.79
N ILE D 187 21.21 -33.80 11.62
CA ILE D 187 21.69 -33.70 13.01
C ILE D 187 20.91 -34.70 13.86
N GLU D 188 21.63 -35.67 14.45
CA GLU D 188 21.02 -36.69 15.31
C GLU D 188 21.45 -36.49 16.75
N ILE D 189 20.52 -36.06 17.62
CA ILE D 189 20.78 -35.89 19.05
C ILE D 189 20.80 -37.29 19.66
N VAL D 190 21.94 -37.66 20.27
CA VAL D 190 22.14 -39.00 20.84
C VAL D 190 22.21 -38.96 22.39
N ALA D 191 22.38 -37.76 22.99
CA ALA D 191 22.46 -37.58 24.44
C ALA D 191 22.07 -36.17 24.89
N LYS D 192 21.52 -36.08 26.11
CA LYS D 192 21.12 -34.84 26.78
C LYS D 192 21.55 -34.91 28.25
N VAL D 193 22.76 -34.41 28.54
CA VAL D 193 23.34 -34.43 29.89
C VAL D 193 23.26 -33.03 30.53
N TYR D 194 23.32 -32.97 31.88
CA TYR D 194 23.20 -31.72 32.62
C TYR D 194 24.40 -31.49 33.56
N GLY D 195 25.11 -30.40 33.32
CA GLY D 195 26.28 -29.99 34.08
C GLY D 195 25.97 -29.13 35.29
N ASP D 196 24.69 -28.73 35.47
CA ASP D 196 24.11 -27.95 36.57
C ASP D 196 24.84 -26.60 36.81
N ASP D 197 25.38 -25.98 35.73
CA ASP D 197 26.15 -24.71 35.74
C ASP D 197 27.35 -24.77 36.72
N ASP D 198 27.92 -25.98 36.87
CA ASP D 198 29.07 -26.25 37.73
C ASP D 198 30.19 -26.84 36.88
N ASP D 199 31.40 -26.26 36.99
CA ASP D 199 32.58 -26.64 36.22
C ASP D 199 33.00 -28.10 36.47
N THR D 200 33.00 -28.56 37.73
CA THR D 200 33.41 -29.92 38.10
C THR D 200 32.39 -30.94 37.58
N LYS D 201 31.08 -30.66 37.70
CA LYS D 201 30.01 -31.53 37.23
C LYS D 201 29.97 -31.58 35.69
N SER D 202 30.11 -30.42 34.99
CA SER D 202 30.12 -30.32 33.53
C SER D 202 31.31 -31.06 32.92
N PHE D 203 32.46 -31.07 33.62
CA PHE D 203 33.68 -31.78 33.19
C PHE D 203 33.45 -33.29 33.27
N GLN D 204 32.80 -33.75 34.37
CA GLN D 204 32.48 -35.15 34.62
C GLN D 204 31.44 -35.67 33.63
N GLU D 205 30.46 -34.80 33.26
CA GLU D 205 29.42 -35.12 32.29
C GLU D 205 30.00 -35.25 30.89
N ALA D 206 30.99 -34.40 30.54
CA ALA D 206 31.69 -34.41 29.25
C ALA D 206 32.58 -35.66 29.13
N GLN D 207 33.19 -36.08 30.26
CA GLN D 207 34.06 -37.27 30.36
C GLN D 207 33.24 -38.55 30.11
N GLY D 208 32.07 -38.64 30.76
CA GLY D 208 31.14 -39.75 30.64
C GLY D 208 30.44 -39.80 29.31
N LEU D 209 30.27 -38.62 28.66
CA LEU D 209 29.62 -38.44 27.36
C LEU D 209 30.41 -39.16 26.26
N LEU D 210 31.75 -39.06 26.29
CA LEU D 210 32.65 -39.70 25.33
C LEU D 210 32.83 -41.19 25.66
N GLN D 211 32.53 -41.59 26.92
CA GLN D 211 32.61 -42.97 27.37
C GLN D 211 31.40 -43.76 26.88
N ALA D 212 30.19 -43.14 26.96
CA ALA D 212 28.92 -43.73 26.53
C ALA D 212 28.71 -43.58 25.02
N HIS D 213 29.24 -42.50 24.42
CA HIS D 213 29.13 -42.22 22.98
C HIS D 213 30.52 -41.89 22.39
N PRO D 214 31.38 -42.89 22.11
CA PRO D 214 32.71 -42.56 21.56
C PRO D 214 32.69 -42.19 20.07
N ASP D 215 31.59 -42.53 19.36
CA ASP D 215 31.38 -42.26 17.92
C ASP D 215 30.74 -40.86 17.72
N LEU D 216 30.87 -39.97 18.72
CA LEU D 216 30.34 -38.62 18.77
C LEU D 216 31.05 -37.70 17.77
N ASN D 217 30.26 -36.89 17.05
CA ASN D 217 30.78 -35.93 16.05
C ASN D 217 30.96 -34.54 16.67
N ALA D 218 30.01 -34.10 17.54
CA ALA D 218 30.04 -32.78 18.18
C ALA D 218 29.27 -32.72 19.50
N ILE D 219 29.53 -31.67 20.30
CA ILE D 219 28.87 -31.37 21.57
C ILE D 219 28.36 -29.92 21.53
N VAL D 220 27.06 -29.73 21.85
CA VAL D 220 26.42 -28.40 21.94
C VAL D 220 26.29 -28.09 23.42
N SER D 221 26.86 -26.97 23.87
CA SER D 221 26.78 -26.57 25.27
C SER D 221 26.12 -25.18 25.37
N PRO D 222 24.79 -25.11 25.65
CA PRO D 222 24.14 -23.80 25.74
C PRO D 222 24.33 -23.12 27.13
N THR D 223 25.56 -23.19 27.65
CA THR D 223 25.96 -22.64 28.95
C THR D 223 27.47 -22.31 28.91
N THR D 224 27.84 -21.12 29.43
CA THR D 224 29.21 -20.60 29.47
C THR D 224 30.10 -21.44 30.40
N VAL D 225 29.51 -22.02 31.47
CA VAL D 225 30.20 -22.86 32.45
C VAL D 225 30.45 -24.24 31.83
N GLY D 226 29.43 -24.79 31.17
CA GLY D 226 29.48 -26.10 30.52
C GLY D 226 30.44 -26.20 29.35
N ILE D 227 30.46 -25.18 28.46
CA ILE D 227 31.33 -25.12 27.28
C ILE D 227 32.82 -25.01 27.70
N ALA D 228 33.10 -24.32 28.83
CA ALA D 228 34.45 -24.12 29.37
C ALA D 228 35.04 -25.42 29.90
N ALA D 229 34.24 -26.21 30.66
CA ALA D 229 34.66 -27.49 31.23
C ALA D 229 34.81 -28.56 30.15
N THR D 230 33.93 -28.55 29.12
CA THR D 230 33.98 -29.51 28.00
C THR D 230 35.22 -29.24 27.14
N ALA D 231 35.57 -27.96 26.94
CA ALA D 231 36.75 -27.54 26.18
C ALA D 231 38.03 -27.97 26.89
N ARG D 232 38.04 -27.88 28.24
CA ARG D 232 39.18 -28.28 29.07
C ARG D 232 39.38 -29.80 29.00
N TYR D 233 38.28 -30.57 28.87
CA TYR D 233 38.34 -32.03 28.77
C TYR D 233 38.84 -32.45 27.39
N LEU D 234 38.25 -31.90 26.30
CA LEU D 234 38.59 -32.23 24.91
C LEU D 234 40.04 -31.90 24.56
N SER D 235 40.57 -30.74 25.04
CA SER D 235 41.95 -30.29 24.79
C SER D 235 42.99 -31.21 25.44
N THR D 236 42.65 -31.85 26.58
CA THR D 236 43.53 -32.74 27.33
C THR D 236 43.35 -34.22 26.94
N SER D 237 42.32 -34.53 26.11
CA SER D 237 42.03 -35.88 25.66
C SER D 237 42.45 -36.12 24.19
N ASP D 238 42.28 -37.37 23.71
CA ASP D 238 42.61 -37.80 22.35
C ASP D 238 41.57 -37.31 21.32
N TYR D 239 40.43 -36.78 21.80
CA TYR D 239 39.32 -36.29 20.98
C TYR D 239 39.51 -34.82 20.52
N LYS D 240 40.68 -34.20 20.82
CA LYS D 240 40.99 -32.81 20.45
C LYS D 240 41.00 -32.67 18.92
N GLY D 241 40.13 -31.79 18.42
CA GLY D 241 39.98 -31.54 16.99
C GLY D 241 39.05 -32.53 16.28
N LYS D 242 38.96 -33.77 16.81
CA LYS D 242 38.13 -34.84 16.27
C LYS D 242 36.66 -34.62 16.62
N VAL D 243 36.36 -34.33 17.91
CA VAL D 243 35.01 -34.04 18.39
C VAL D 243 34.88 -32.51 18.48
N PHE D 244 33.95 -31.94 17.70
CA PHE D 244 33.70 -30.50 17.64
C PHE D 244 32.93 -30.02 18.86
N LEU D 245 33.21 -28.78 19.31
CA LEU D 245 32.52 -28.20 20.45
C LEU D 245 32.05 -26.79 20.09
N THR D 246 30.74 -26.54 20.25
CA THR D 246 30.07 -25.28 19.96
C THR D 246 29.00 -24.99 21.04
N GLY D 247 28.36 -23.82 20.96
CA GLY D 247 27.33 -23.40 21.90
C GLY D 247 27.45 -21.94 22.30
N LEU D 248 27.12 -21.66 23.59
CA LEU D 248 27.18 -20.31 24.15
C LEU D 248 28.34 -20.19 25.15
N GLY D 249 29.34 -19.37 24.81
CA GLY D 249 30.52 -19.16 25.63
C GLY D 249 30.99 -17.72 25.72
N LEU D 250 31.93 -17.47 26.65
CA LEU D 250 32.52 -16.14 26.87
C LEU D 250 33.88 -16.02 26.14
N PRO D 251 34.11 -14.92 25.38
CA PRO D 251 35.37 -14.78 24.62
C PRO D 251 36.66 -14.83 25.45
N ASN D 252 36.62 -14.37 26.72
CA ASN D 252 37.78 -14.35 27.62
C ASN D 252 38.17 -15.76 28.09
N GLU D 253 37.18 -16.64 28.29
CA GLU D 253 37.39 -18.02 28.74
C GLU D 253 37.76 -18.95 27.59
N MSE D 254 37.16 -18.73 26.39
CA MSE D 254 37.34 -19.55 25.19
C MSE D 254 38.60 -19.24 24.39
O MSE D 254 39.08 -20.12 23.69
CB MSE D 254 36.13 -19.43 24.25
CG MSE D 254 34.80 -19.88 24.84
SE MSE D 254 34.78 -21.71 25.52
CE MSE D 254 34.95 -21.30 27.35
N ARG D 255 39.13 -17.99 24.48
CA ARG D 255 40.29 -17.47 23.74
C ARG D 255 41.42 -18.50 23.54
N SER D 256 41.84 -19.21 24.61
CA SER D 256 42.91 -20.21 24.55
C SER D 256 42.49 -21.45 23.74
N PHE D 257 41.24 -21.92 23.91
CA PHE D 257 40.69 -23.11 23.22
C PHE D 257 40.43 -22.85 21.74
N VAL D 258 40.10 -21.59 21.39
CA VAL D 258 39.85 -21.18 20.00
C VAL D 258 41.19 -21.18 19.23
N LYS D 259 42.28 -20.74 19.89
CA LYS D 259 43.62 -20.68 19.30
C LYS D 259 44.27 -22.08 19.24
N ASP D 260 43.95 -22.96 20.22
CA ASP D 260 44.44 -24.34 20.35
C ASP D 260 43.88 -25.28 19.28
N GLY D 261 42.70 -24.93 18.78
CA GLY D 261 41.95 -25.73 17.80
C GLY D 261 40.87 -26.59 18.40
N THR D 262 40.68 -26.54 19.74
CA THR D 262 39.67 -27.30 20.48
C THR D 262 38.26 -26.81 20.09
N VAL D 263 38.11 -25.48 19.99
CA VAL D 263 36.87 -24.80 19.60
C VAL D 263 37.14 -24.02 18.30
N LYS D 264 36.26 -24.19 17.29
CA LYS D 264 36.38 -23.50 16.01
C LYS D 264 35.49 -22.26 16.00
N GLU D 265 34.21 -22.41 16.41
CA GLU D 265 33.24 -21.32 16.47
C GLU D 265 32.16 -21.58 17.53
N PHE D 266 31.86 -20.54 18.32
CA PHE D 266 30.84 -20.50 19.36
C PHE D 266 30.14 -19.14 19.26
N ALA D 267 28.92 -19.00 19.81
CA ALA D 267 28.23 -17.71 19.71
C ALA D 267 27.66 -17.24 21.04
N LEU D 268 27.54 -15.91 21.20
CA LEU D 268 26.97 -15.24 22.36
C LEU D 268 26.40 -13.89 21.88
N TRP D 269 26.65 -12.79 22.63
CA TRP D 269 26.16 -11.44 22.32
C TRP D 269 26.96 -10.39 23.08
N ASP D 270 27.09 -9.18 22.50
CA ASP D 270 27.78 -8.07 23.15
C ASP D 270 26.79 -7.37 24.09
N PRO D 271 26.99 -7.44 25.43
CA PRO D 271 26.03 -6.79 26.35
C PRO D 271 26.09 -5.26 26.29
N ALA D 272 27.22 -4.70 25.83
CA ALA D 272 27.45 -3.26 25.68
C ALA D 272 26.45 -2.64 24.68
N GLN D 273 26.04 -3.42 23.65
CA GLN D 273 25.09 -3.02 22.60
C GLN D 273 23.67 -2.89 23.17
N LEU D 274 23.31 -3.77 24.14
CA LEU D 274 22.00 -3.82 24.81
C LEU D 274 21.75 -2.54 25.63
N GLY D 275 22.76 -2.10 26.37
CA GLY D 275 22.70 -0.87 27.16
C GLY D 275 22.70 0.37 26.29
N TYR D 276 23.44 0.29 25.16
CA TYR D 276 23.57 1.36 24.15
C TYR D 276 22.22 1.69 23.53
N VAL D 277 21.50 0.67 23.00
CA VAL D 277 20.18 0.80 22.36
C VAL D 277 19.14 1.30 23.40
N ALA D 278 19.17 0.75 24.63
CA ALA D 278 18.26 1.10 25.73
C ALA D 278 18.37 2.57 26.16
N ALA D 279 19.58 3.16 26.11
CA ALA D 279 19.82 4.56 26.47
C ALA D 279 19.28 5.49 25.38
N TYR D 280 19.40 5.08 24.10
CA TYR D 280 18.89 5.83 22.94
C TYR D 280 17.37 5.74 22.85
N ALA D 281 16.80 4.59 23.25
CA ALA D 281 15.34 4.36 23.26
C ALA D 281 14.66 5.22 24.33
N GLY D 282 15.30 5.36 25.49
CA GLY D 282 14.83 6.17 26.60
C GLY D 282 14.88 7.66 26.30
N ALA D 283 15.94 8.09 25.59
CA ALA D 283 16.15 9.46 25.16
C ALA D 283 15.12 9.87 24.10
N ALA D 284 14.74 8.92 23.23
CA ALA D 284 13.75 9.09 22.17
C ALA D 284 12.34 9.26 22.74
N LEU D 285 12.01 8.51 23.82
CA LEU D 285 10.71 8.58 24.50
C LEU D 285 10.56 9.88 25.29
N ASP D 286 11.66 10.31 25.95
CA ASP D 286 11.71 11.52 26.78
C ASP D 286 11.68 12.81 25.95
N SER D 287 12.34 12.81 24.76
CA SER D 287 12.38 13.98 23.88
C SER D 287 11.03 14.18 23.16
N GLY D 288 10.30 13.08 22.94
CA GLY D 288 9.01 13.08 22.27
C GLY D 288 9.04 12.62 20.83
N ALA D 289 10.18 12.02 20.41
CA ALA D 289 10.40 11.51 19.05
C ALA D 289 9.51 10.29 18.76
N ILE D 290 9.27 9.46 19.80
CA ILE D 290 8.42 8.26 19.72
C ILE D 290 7.48 8.20 20.93
N LYS D 291 6.27 7.68 20.72
CA LYS D 291 5.26 7.51 21.76
C LYS D 291 5.41 6.16 22.47
N GLY D 292 6.12 5.24 21.81
CA GLY D 292 6.37 3.89 22.31
C GLY D 292 5.41 2.87 21.71
N GLU D 293 4.83 3.20 20.54
CA GLU D 293 3.86 2.38 19.82
C GLU D 293 4.53 1.39 18.87
N VAL D 294 3.83 0.29 18.55
CA VAL D 294 4.28 -0.77 17.65
C VAL D 294 4.35 -0.22 16.22
N GLY D 295 5.53 -0.35 15.61
CA GLY D 295 5.78 0.12 14.25
C GLY D 295 6.65 1.36 14.16
N GLU D 296 6.79 2.10 15.28
CA GLU D 296 7.61 3.32 15.35
C GLU D 296 9.11 3.00 15.24
N LYS D 297 9.89 3.98 14.75
CA LYS D 297 11.33 3.85 14.55
C LYS D 297 12.11 4.94 15.29
N PHE D 298 13.29 4.57 15.82
CA PHE D 298 14.20 5.46 16.54
C PHE D 298 15.65 5.15 16.16
N THR D 299 16.52 6.17 16.17
CA THR D 299 17.94 6.02 15.84
C THR D 299 18.71 5.64 17.12
N ALA D 300 19.47 4.55 17.05
CA ALA D 300 20.27 4.03 18.16
C ALA D 300 21.76 4.27 17.92
N GLY D 301 22.10 5.55 17.74
CA GLY D 301 23.47 6.03 17.52
C GLY D 301 24.23 5.41 16.37
N ASN D 302 25.37 4.78 16.68
CA ASN D 302 26.27 4.13 15.72
C ASN D 302 25.72 2.80 15.21
N LEU D 303 24.69 2.24 15.88
CA LEU D 303 24.08 0.96 15.51
C LEU D 303 22.92 1.12 14.51
N GLY D 304 22.62 2.36 14.11
CA GLY D 304 21.56 2.67 13.15
C GLY D 304 20.18 2.70 13.76
N GLU D 305 19.14 2.64 12.91
CA GLU D 305 17.75 2.68 13.35
C GLU D 305 17.22 1.32 13.83
N ARG D 306 16.19 1.34 14.70
CA ARG D 306 15.51 0.16 15.25
C ARG D 306 14.00 0.37 15.25
N THR D 307 13.23 -0.70 15.03
CA THR D 307 11.75 -0.66 15.00
C THR D 307 11.18 -1.31 16.27
N ILE D 308 10.12 -0.68 16.83
CA ILE D 308 9.40 -1.20 18.00
C ILE D 308 8.43 -2.27 17.49
N GLY D 309 8.67 -3.50 17.90
CA GLY D 309 7.85 -4.65 17.50
C GLY D 309 6.68 -4.90 18.43
N GLU D 310 6.11 -6.12 18.38
CA GLU D 310 4.97 -6.54 19.19
C GLU D 310 5.34 -6.57 20.68
N ASN D 311 4.35 -6.20 21.55
CA ASN D 311 4.45 -6.11 23.01
C ASN D 311 5.53 -5.08 23.43
N LYS D 312 5.63 -3.97 22.65
CA LYS D 312 6.56 -2.83 22.83
C LYS D 312 8.02 -3.33 23.01
N THR D 313 8.44 -4.33 22.20
CA THR D 313 9.76 -4.95 22.27
C THR D 313 10.65 -4.56 21.09
N VAL D 314 11.91 -4.19 21.39
CA VAL D 314 12.95 -3.80 20.43
C VAL D 314 14.06 -4.86 20.51
N VAL D 315 14.47 -5.42 19.35
CA VAL D 315 15.53 -6.44 19.28
C VAL D 315 16.83 -5.75 18.83
N VAL D 316 17.93 -5.96 19.58
CA VAL D 316 19.26 -5.40 19.34
C VAL D 316 19.83 -5.96 18.01
N GLY D 317 19.73 -7.27 17.84
CA GLY D 317 20.20 -7.97 16.65
C GLY D 317 20.36 -9.46 16.83
N ASP D 318 21.00 -10.11 15.85
CA ASP D 318 21.25 -11.55 15.83
C ASP D 318 22.43 -11.91 16.77
N PRO D 319 22.51 -13.17 17.28
CA PRO D 319 23.64 -13.53 18.16
C PRO D 319 24.97 -13.49 17.42
N VAL D 320 25.97 -12.80 18.02
CA VAL D 320 27.32 -12.62 17.47
C VAL D 320 28.09 -13.94 17.53
N ARG D 321 28.62 -14.39 16.38
CA ARG D 321 29.42 -15.61 16.26
C ARG D 321 30.90 -15.26 16.44
N PHE D 322 31.58 -16.00 17.33
CA PHE D 322 32.99 -15.76 17.65
C PHE D 322 33.87 -16.91 17.16
N ASN D 323 34.94 -16.56 16.42
CA ASN D 323 35.95 -17.45 15.88
C ASN D 323 37.33 -16.81 16.08
N ALA D 324 38.41 -17.45 15.59
CA ALA D 324 39.79 -16.99 15.75
C ALA D 324 40.09 -15.64 15.05
N ASP D 325 39.16 -15.12 14.23
CA ASP D 325 39.33 -13.86 13.49
C ASP D 325 38.77 -12.64 14.22
N ASN D 326 37.91 -12.83 15.24
CA ASN D 326 37.29 -11.73 15.98
C ASN D 326 37.31 -11.95 17.51
N ILE D 327 37.88 -13.08 17.99
CA ILE D 327 37.97 -13.44 19.42
C ILE D 327 38.72 -12.37 20.25
N ASP D 328 39.80 -11.79 19.69
CA ASP D 328 40.65 -10.78 20.36
C ASP D 328 40.07 -9.35 20.29
N LYS D 329 38.86 -9.19 19.69
CA LYS D 329 38.19 -7.90 19.55
C LYS D 329 37.11 -7.68 20.65
N TYR D 330 36.86 -8.69 21.50
CA TYR D 330 35.84 -8.64 22.56
C TYR D 330 36.45 -8.97 23.92
N ASP D 331 36.10 -8.17 24.96
CA ASP D 331 36.61 -8.36 26.31
C ASP D 331 35.46 -8.40 27.34
N PHE D 332 34.90 -9.61 27.56
CA PHE D 332 33.82 -9.90 28.53
C PHE D 332 33.72 -11.42 28.80
#